data_6MVQ
#
_entry.id   6MVQ
#
_cell.length_a   85.811
_cell.length_b   106.565
_cell.length_c   126.509
_cell.angle_alpha   90.000
_cell.angle_beta   90.000
_cell.angle_gamma   90.000
#
_symmetry.space_group_name_H-M   'P 21 21 21'
#
loop_
_entity.id
_entity.type
_entity.pdbx_description
1 polymer 'HCV Polymerase'
2 non-polymer '(4-{1-[5-cyclopropyl-2-(4-fluorophenyl)-3-(methylcarbamoyl)-1-benzofuran-6-yl]-1H-1,2,4-triazol-5-yl}-2-fluorophenyl)boronic acid'
3 water water
#
_entity_poly.entity_id   1
_entity_poly.type   'polypeptide(L)'
_entity_poly.pdbx_seq_one_letter_code
;SMSYTWTGALITPCAAEESKLPINALSNSLLRHHNMVYATTSRSAGQRQKKVTFDRLQVLDDHYRDVLKEMKAKASTVKA
KLLSVEEACKLTPPHSAKSKYGYGAKDVRNLSSRAVNHIHSVWKDLLEDTVTPIDTTIMAKNEVFCVQAEKGGRKPARLI
VFPDLGVRVCEKMALYDVVSTLPQVVMGSSYGFQYSPGQRVEFLVNTWKSKKNPMGFSYDTRCFDSTVTENDIRVEESIY
QCCDLAPEARQAIKSLTERLYIGGPLTNSKGQNCGYRRCRASGVLTTSCGNTLTCYLKASAACRAAKLQDCTMLVNGDDL
VVICESAGVQEDAASLRVFTEAMTRYSAPPGDPPQPEYDLELITSCSSNVSVAHDASGKRVYYLTRDPTTPLARAAWETA
RHTPVNSWLGNIIMYAPTLWARMILMTHFFSILLAQEQLEKALDCQIYGACYSIEPLDLPQIIERLHGLSAFSLHSYSPG
EINRVASCLRKLGVPPLRVWRHRARSVRARLLSQGGRAATCGKYLFNWAVKTKLKLTPIPAASRLDLSGWFVAGYSGGDI
YHA
;
_entity_poly.pdbx_strand_id   A,B
#
loop_
_chem_comp.id
_chem_comp.type
_chem_comp.name
_chem_comp.formula
K4M non-polymer '(4-{1-[5-cyclopropyl-2-(4-fluorophenyl)-3-(methylcarbamoyl)-1-benzofuran-6-yl]-1H-1,2,4-triazol-5-yl}-2-fluorophenyl)boronic acid' 'C27 H21 B F2 N4 O4'
#
# COMPACT_ATOMS: atom_id res chain seq x y z
N SER A 1 1.86 -3.20 16.33
CA SER A 1 0.81 -4.23 16.57
C SER A 1 1.43 -5.52 17.11
N MET A 2 0.73 -6.13 18.06
CA MET A 2 1.20 -7.35 18.71
C MET A 2 0.87 -8.58 17.88
N SER A 3 1.88 -9.42 17.68
CA SER A 3 1.72 -10.67 16.90
C SER A 3 0.57 -11.52 17.41
N TYR A 4 0.50 -11.65 18.73
CA TYR A 4 -0.57 -12.38 19.41
C TYR A 4 -1.04 -11.66 20.66
N THR A 5 -2.32 -11.84 20.98
CA THR A 5 -2.88 -11.51 22.30
C THR A 5 -3.42 -12.80 22.92
N TRP A 6 -3.15 -12.98 24.22
CA TRP A 6 -3.53 -14.22 24.91
C TRP A 6 -4.53 -13.98 26.04
N THR A 7 -5.39 -14.96 26.27
CA THR A 7 -6.40 -14.90 27.35
C THR A 7 -5.92 -15.57 28.63
N GLY A 8 -4.93 -16.44 28.49
CA GLY A 8 -4.45 -17.26 29.61
C GLY A 8 -4.93 -18.70 29.59
N ALA A 9 -5.93 -18.97 28.75
CA ALA A 9 -6.35 -20.35 28.49
C ALA A 9 -5.16 -21.13 27.92
N LEU A 10 -5.00 -22.37 28.37
CA LEU A 10 -3.88 -23.20 27.95
C LEU A 10 -4.06 -23.76 26.55
N ILE A 11 -2.93 -23.94 25.86
CA ILE A 11 -2.88 -24.69 24.63
C ILE A 11 -2.82 -26.15 25.02
N THR A 12 -3.88 -26.87 24.68
CA THR A 12 -4.11 -28.22 25.19
C THR A 12 -3.86 -29.29 24.12
N PRO A 13 -3.47 -30.49 24.55
CA PRO A 13 -3.31 -31.58 23.61
C PRO A 13 -4.64 -32.22 23.25
N CYS A 14 -4.67 -32.90 22.12
CA CYS A 14 -5.88 -33.61 21.65
C CYS A 14 -5.75 -35.11 21.88
N ALA A 15 -4.63 -35.52 22.46
CA ALA A 15 -4.35 -36.93 22.71
C ALA A 15 -3.16 -37.12 23.63
N ALA A 16 -2.81 -38.37 23.89
CA ALA A 16 -1.66 -38.72 24.70
C ALA A 16 -0.38 -38.17 24.06
N GLU A 17 0.44 -37.53 24.87
CA GLU A 17 1.73 -37.00 24.41
C GLU A 17 2.91 -37.72 25.05
N GLU A 18 3.90 -38.04 24.23
CA GLU A 18 5.15 -38.68 24.70
C GLU A 18 6.34 -37.75 24.45
N SER A 19 7.13 -37.55 25.50
CA SER A 19 8.34 -36.71 25.42
C SER A 19 9.62 -37.53 25.37
N LYS A 20 9.59 -38.67 26.06
CA LYS A 20 10.74 -39.57 26.18
C LYS A 20 10.78 -40.58 25.03
N LEU A 21 12.00 -40.89 24.58
CA LEU A 21 12.23 -41.82 23.46
C LEU A 21 11.67 -43.22 23.77
N PRO A 22 10.68 -43.67 22.98
CA PRO A 22 10.24 -45.04 23.19
C PRO A 22 11.32 -46.03 22.79
N ILE A 23 11.42 -47.10 23.54
CA ILE A 23 12.45 -48.11 23.32
C ILE A 23 11.80 -49.45 23.03
N ASN A 24 12.30 -50.12 22.00
CA ASN A 24 11.95 -51.52 21.73
C ASN A 24 13.21 -52.35 21.51
N ALA A 25 13.04 -53.54 20.93
CA ALA A 25 14.14 -54.49 20.78
C ALA A 25 15.14 -54.09 19.68
N LEU A 26 14.74 -53.14 18.84
CA LEU A 26 15.57 -52.67 17.73
C LEU A 26 16.37 -51.41 18.09
N SER A 27 15.94 -50.75 19.15
CA SER A 27 16.40 -49.39 19.46
C SER A 27 17.91 -49.30 19.62
N ASN A 28 18.47 -50.22 20.41
CA ASN A 28 19.90 -50.20 20.73
C ASN A 28 20.81 -50.40 19.52
N SER A 29 20.31 -51.11 18.51
CA SER A 29 21.08 -51.36 17.28
C SER A 29 21.36 -50.06 16.52
N LEU A 30 20.44 -49.10 16.62
CA LEU A 30 20.59 -47.79 15.97
C LEU A 30 21.26 -46.75 16.86
N LEU A 31 20.76 -46.63 18.09
CA LEU A 31 21.09 -45.51 18.97
C LEU A 31 21.06 -45.93 20.43
N ARG A 32 22.13 -45.59 21.16
CA ARG A 32 22.30 -46.02 22.57
C ARG A 32 22.03 -44.90 23.57
N HIS A 33 22.37 -43.66 23.22
CA HIS A 33 22.18 -42.53 24.13
C HIS A 33 20.76 -41.99 24.07
N HIS A 34 19.87 -42.76 24.70
CA HIS A 34 18.41 -42.56 24.59
C HIS A 34 17.93 -41.25 25.18
N ASN A 35 18.59 -40.80 26.24
CA ASN A 35 18.18 -39.59 26.98
C ASN A 35 18.45 -38.29 26.22
N MET A 36 19.15 -38.39 25.09
CA MET A 36 19.43 -37.23 24.25
C MET A 36 18.33 -36.93 23.23
N VAL A 37 17.51 -37.94 22.97
CA VAL A 37 16.37 -37.79 22.06
C VAL A 37 15.10 -37.46 22.86
N TYR A 38 14.38 -36.47 22.37
CA TYR A 38 13.13 -36.04 22.99
C TYR A 38 12.13 -35.55 21.96
N ALA A 39 10.87 -35.58 22.35
CA ALA A 39 9.79 -34.99 21.55
C ALA A 39 9.20 -33.80 22.29
N THR A 40 8.89 -32.75 21.53
CA THR A 40 8.18 -31.61 22.09
C THR A 40 6.72 -31.94 22.39
N THR A 41 6.19 -31.28 23.41
CA THR A 41 4.77 -31.46 23.81
C THR A 41 4.12 -30.13 24.18
N SER A 42 2.80 -30.18 24.37
CA SER A 42 2.01 -29.02 24.80
C SER A 42 2.50 -28.42 26.12
N ARG A 43 3.18 -29.23 26.92
CA ARG A 43 3.75 -28.77 28.20
C ARG A 43 4.69 -27.56 28.05
N SER A 44 5.32 -27.45 26.89
CA SER A 44 6.26 -26.34 26.62
C SER A 44 5.62 -25.20 25.82
N ALA A 45 4.32 -25.30 25.56
CA ALA A 45 3.59 -24.33 24.73
C ALA A 45 3.72 -22.91 25.28
N GLY A 46 3.58 -22.80 26.60
CA GLY A 46 3.71 -21.52 27.29
C GLY A 46 5.00 -20.81 26.96
N GLN A 47 6.10 -21.57 26.90
CA GLN A 47 7.43 -21.03 26.60
C GLN A 47 7.48 -20.47 25.17
N ARG A 48 6.93 -21.25 24.23
CA ARG A 48 6.85 -20.81 22.83
C ARG A 48 6.03 -19.54 22.71
N GLN A 49 4.91 -19.51 23.44
CA GLN A 49 3.98 -18.36 23.40
C GLN A 49 4.71 -17.07 23.69
N LYS A 50 5.58 -17.10 24.69
CA LYS A 50 6.39 -15.92 25.05
C LYS A 50 7.27 -15.49 23.89
N LYS A 51 7.94 -16.46 23.27
CA LYS A 51 8.88 -16.19 22.16
C LYS A 51 8.21 -15.55 20.94
N VAL A 52 7.03 -16.03 20.60
CA VAL A 52 6.36 -15.62 19.35
C VAL A 52 5.53 -14.35 19.52
N THR A 53 5.50 -13.84 20.74
CA THR A 53 4.66 -12.68 21.08
C THR A 53 5.47 -11.41 21.22
N PHE A 54 5.34 -10.55 20.23
CA PHE A 54 6.00 -9.23 20.25
C PHE A 54 5.34 -8.20 19.35
N ASP A 55 5.74 -6.96 19.57
CA ASP A 55 5.27 -5.83 18.79
C ASP A 55 6.03 -5.78 17.47
N ARG A 56 5.31 -5.53 16.39
CA ARG A 56 5.92 -5.35 15.07
C ARG A 56 5.77 -3.93 14.60
N LEU A 57 6.89 -3.35 14.20
CA LEU A 57 6.92 -2.03 13.58
C LEU A 57 7.44 -2.17 12.17
N GLN A 58 6.89 -1.36 11.27
CA GLN A 58 7.26 -1.46 9.87
C GLN A 58 7.44 -0.09 9.25
N VAL A 59 8.54 0.04 8.52
CA VAL A 59 8.92 1.26 7.83
C VAL A 59 9.22 0.90 6.37
N LEU A 60 8.37 1.40 5.47
CA LEU A 60 8.42 1.01 4.07
C LEU A 60 8.87 2.13 3.14
N ASP A 61 9.98 1.85 2.46
CA ASP A 61 10.65 2.84 1.61
C ASP A 61 10.40 2.58 0.13
N ASP A 62 11.07 3.35 -0.71
CA ASP A 62 10.83 3.29 -2.16
C ASP A 62 11.33 1.97 -2.78
N HIS A 63 12.46 1.48 -2.28
CA HIS A 63 13.00 0.18 -2.71
C HIS A 63 11.95 -0.94 -2.57
N TYR A 64 11.24 -0.92 -1.44
CA TYR A 64 10.18 -1.90 -1.14
C TYR A 64 9.06 -1.80 -2.17
N ARG A 65 8.58 -0.59 -2.40
CA ARG A 65 7.49 -0.36 -3.38
C ARG A 65 7.92 -0.62 -4.83
N ASP A 66 9.17 -0.30 -5.15
CA ASP A 66 9.75 -0.59 -6.49
C ASP A 66 9.72 -2.09 -6.78
N VAL A 67 10.21 -2.88 -5.83
CA VAL A 67 10.24 -4.35 -5.99
C VAL A 67 8.83 -4.93 -6.10
N LEU A 68 7.92 -4.41 -5.27
CA LEU A 68 6.52 -4.88 -5.24
C LEU A 68 5.85 -4.67 -6.59
N LYS A 69 6.03 -3.48 -7.15
CA LYS A 69 5.53 -3.15 -8.49
C LYS A 69 6.02 -4.16 -9.54
N GLU A 70 7.30 -4.50 -9.47
CA GLU A 70 7.90 -5.48 -10.38
C GLU A 70 7.26 -6.86 -10.22
N MET A 71 7.07 -7.26 -8.97
CA MET A 71 6.46 -8.54 -8.63
C MET A 71 5.02 -8.62 -9.15
N LYS A 72 4.27 -7.53 -8.97
CA LYS A 72 2.88 -7.44 -9.43
C LYS A 72 2.78 -7.52 -10.96
N ALA A 73 3.74 -6.91 -11.65
CA ALA A 73 3.80 -6.92 -13.12
C ALA A 73 3.99 -8.34 -13.66
N LYS A 74 4.80 -9.13 -12.96
CA LYS A 74 5.00 -10.54 -13.31
C LYS A 74 3.74 -11.35 -12.98
N ALA A 75 3.15 -11.05 -11.82
CA ALA A 75 1.95 -11.74 -11.34
C ALA A 75 0.77 -11.53 -12.29
N SER A 76 0.76 -10.39 -12.97
CA SER A 76 -0.31 -10.06 -13.93
CA SER A 76 -0.32 -10.07 -13.93
C SER A 76 -0.31 -10.95 -15.16
N THR A 77 0.78 -11.68 -15.39
CA THR A 77 0.84 -12.61 -16.52
C THR A 77 0.29 -13.98 -16.18
N VAL A 78 -0.04 -14.18 -14.91
CA VAL A 78 -0.49 -15.48 -14.44
C VAL A 78 -1.99 -15.66 -14.62
N LYS A 79 -2.36 -16.78 -15.23
CA LYS A 79 -3.76 -17.19 -15.31
C LYS A 79 -3.95 -18.39 -14.41
N ALA A 80 -4.85 -18.24 -13.46
CA ALA A 80 -5.11 -19.28 -12.46
C ALA A 80 -6.56 -19.76 -12.55
N LYS A 81 -6.75 -21.06 -12.34
CA LYS A 81 -8.08 -21.66 -12.43
C LYS A 81 -8.63 -22.05 -11.06
N LEU A 82 -9.95 -21.96 -10.94
CA LEU A 82 -10.67 -22.50 -9.79
C LEU A 82 -10.65 -24.01 -9.87
N LEU A 83 -10.38 -24.65 -8.74
CA LEU A 83 -10.57 -26.10 -8.63
C LEU A 83 -12.01 -26.40 -8.27
N SER A 84 -12.53 -27.49 -8.85
CA SER A 84 -13.83 -28.01 -8.46
C SER A 84 -13.75 -28.62 -7.07
N VAL A 85 -14.91 -28.76 -6.45
CA VAL A 85 -15.04 -29.40 -5.14
C VAL A 85 -14.33 -30.75 -5.14
N GLU A 86 -14.59 -31.53 -6.18
CA GLU A 86 -14.04 -32.89 -6.32
C GLU A 86 -12.51 -32.91 -6.37
N GLU A 87 -11.97 -32.01 -7.19
CA GLU A 87 -10.52 -31.90 -7.37
C GLU A 87 -9.84 -31.54 -6.05
N ALA A 88 -10.43 -30.57 -5.35
CA ALA A 88 -9.92 -30.10 -4.06
C ALA A 88 -10.01 -31.21 -3.03
N CYS A 89 -11.11 -31.96 -3.08
CA CYS A 89 -11.33 -33.10 -2.18
C CYS A 89 -10.22 -34.13 -2.31
N LYS A 90 -9.84 -34.43 -3.55
CA LYS A 90 -8.82 -35.44 -3.83
C LYS A 90 -7.41 -35.03 -3.37
N LEU A 91 -7.23 -33.74 -3.13
CA LEU A 91 -5.94 -33.21 -2.64
C LEU A 91 -5.84 -33.27 -1.11
N THR A 92 -6.94 -33.69 -0.46
CA THR A 92 -6.99 -33.79 1.00
C THR A 92 -6.30 -35.08 1.50
N PRO A 93 -5.37 -34.95 2.47
CA PRO A 93 -4.75 -36.15 3.02
C PRO A 93 -5.73 -37.06 3.80
N PRO A 94 -5.59 -38.39 3.65
CA PRO A 94 -6.41 -39.40 4.32
C PRO A 94 -6.58 -39.18 5.81
N HIS A 95 -5.52 -38.74 6.47
CA HIS A 95 -5.50 -38.60 7.93
C HIS A 95 -5.53 -37.14 8.39
N SER A 96 -5.93 -36.25 7.49
CA SER A 96 -6.09 -34.83 7.82
C SER A 96 -7.17 -34.68 8.89
N ALA A 97 -6.98 -33.71 9.79
CA ALA A 97 -7.88 -33.49 10.91
C ALA A 97 -9.35 -33.37 10.47
N LYS A 98 -10.22 -34.08 11.18
CA LYS A 98 -11.65 -34.10 10.82
C LYS A 98 -12.34 -32.76 11.09
N SER A 99 -13.46 -32.57 10.40
CA SER A 99 -14.26 -31.36 10.58
C SER A 99 -15.00 -31.40 11.91
N LYS A 100 -15.31 -30.22 12.44
CA LYS A 100 -16.14 -30.08 13.63
C LYS A 100 -17.61 -30.37 13.31
N TYR A 101 -17.93 -30.42 12.02
CA TYR A 101 -19.33 -30.47 11.57
C TYR A 101 -19.76 -31.84 11.05
N GLY A 102 -19.20 -32.89 11.64
CA GLY A 102 -19.74 -34.25 11.50
C GLY A 102 -19.27 -35.06 10.30
N TYR A 103 -18.03 -34.79 9.88
CA TYR A 103 -17.37 -35.55 8.82
C TYR A 103 -15.86 -35.38 8.89
N GLY A 104 -15.14 -36.35 8.32
CA GLY A 104 -13.68 -36.35 8.35
C GLY A 104 -13.05 -36.42 6.96
N ALA A 105 -11.73 -36.63 6.95
CA ALA A 105 -10.94 -36.64 5.71
C ALA A 105 -11.38 -37.70 4.70
N LYS A 106 -11.70 -38.89 5.18
CA LYS A 106 -12.07 -40.01 4.30
C LYS A 106 -13.41 -39.76 3.61
N ASP A 107 -14.28 -39.05 4.32
CA ASP A 107 -15.58 -38.62 3.79
C ASP A 107 -15.39 -37.63 2.66
N VAL A 108 -14.49 -36.69 2.88
CA VAL A 108 -14.11 -35.67 1.88
C VAL A 108 -13.58 -36.36 0.63
N ARG A 109 -12.66 -37.29 0.84
CA ARG A 109 -11.98 -37.97 -0.26
C ARG A 109 -12.93 -38.84 -1.09
N ASN A 110 -13.93 -39.40 -0.43
CA ASN A 110 -14.96 -40.24 -1.08
C ASN A 110 -16.12 -39.44 -1.66
N LEU A 111 -16.04 -38.11 -1.52
CA LEU A 111 -17.05 -37.19 -2.03
C LEU A 111 -18.43 -37.47 -1.41
N SER A 112 -18.43 -37.84 -0.13
CA SER A 112 -19.68 -38.09 0.59
C SER A 112 -20.53 -36.82 0.60
N SER A 113 -21.83 -37.02 0.43
CA SER A 113 -22.78 -35.92 0.28
C SER A 113 -22.82 -35.02 1.51
N ARG A 114 -22.56 -35.59 2.68
CA ARG A 114 -22.51 -34.81 3.92
C ARG A 114 -21.37 -33.78 3.87
N ALA A 115 -20.20 -34.25 3.44
CA ALA A 115 -18.99 -33.43 3.34
C ALA A 115 -19.12 -32.38 2.25
N VAL A 116 -19.54 -32.84 1.07
CA VAL A 116 -19.71 -32.00 -0.12
C VAL A 116 -20.71 -30.88 0.15
N ASN A 117 -21.81 -31.22 0.84
CA ASN A 117 -22.85 -30.25 1.19
C ASN A 117 -22.31 -29.14 2.11
N HIS A 118 -21.57 -29.54 3.13
CA HIS A 118 -20.98 -28.57 4.06
C HIS A 118 -19.97 -27.66 3.35
N ILE A 119 -19.15 -28.27 2.52
CA ILE A 119 -18.11 -27.55 1.77
C ILE A 119 -18.74 -26.48 0.88
N HIS A 120 -19.79 -26.86 0.15
CA HIS A 120 -20.57 -25.91 -0.67
C HIS A 120 -21.12 -24.76 0.17
N SER A 121 -21.61 -25.06 1.36
CA SER A 121 -22.11 -24.02 2.27
C SER A 121 -20.99 -23.11 2.82
N VAL A 122 -19.82 -23.69 3.08
CA VAL A 122 -18.63 -22.86 3.47
C VAL A 122 -18.25 -21.91 2.33
N TRP A 123 -18.20 -22.47 1.11
CA TRP A 123 -17.87 -21.71 -0.11
C TRP A 123 -18.83 -20.54 -0.32
N LYS A 124 -20.13 -20.85 -0.28
CA LYS A 124 -21.18 -19.84 -0.39
C LYS A 124 -21.02 -18.75 0.66
N ASP A 125 -20.74 -19.15 1.90
CA ASP A 125 -20.49 -18.19 2.99
C ASP A 125 -19.28 -17.28 2.71
N LEU A 126 -18.22 -17.86 2.16
CA LEU A 126 -17.02 -17.08 1.76
C LEU A 126 -17.39 -16.00 0.73
N LEU A 127 -18.20 -16.40 -0.25
CA LEU A 127 -18.63 -15.49 -1.33
C LEU A 127 -19.51 -14.35 -0.79
N GLU A 128 -20.35 -14.67 0.19
CA GLU A 128 -21.35 -13.71 0.70
C GLU A 128 -20.84 -12.82 1.85
N ASP A 129 -19.84 -13.32 2.58
CA ASP A 129 -19.36 -12.67 3.80
C ASP A 129 -17.85 -12.47 3.73
N THR A 130 -17.43 -11.20 3.71
CA THR A 130 -16.00 -10.82 3.61
C THR A 130 -15.41 -10.23 4.91
N VAL A 131 -16.15 -10.32 6.00
CA VAL A 131 -15.77 -9.61 7.26
C VAL A 131 -15.61 -10.49 8.50
N THR A 132 -16.41 -11.54 8.62
CA THR A 132 -16.46 -12.30 9.89
C THR A 132 -15.24 -13.18 10.10
N PRO A 133 -14.47 -12.93 11.18
CA PRO A 133 -13.29 -13.76 11.39
C PRO A 133 -13.61 -15.25 11.47
N ILE A 134 -12.79 -16.04 10.83
CA ILE A 134 -12.96 -17.49 10.79
C ILE A 134 -12.16 -18.11 11.94
N ASP A 135 -12.77 -19.07 12.61
CA ASP A 135 -12.14 -19.74 13.75
C ASP A 135 -10.94 -20.57 13.31
N THR A 136 -9.96 -20.63 14.20
CA THR A 136 -8.80 -21.49 14.03
C THR A 136 -8.52 -22.29 15.29
N THR A 137 -7.90 -23.45 15.09
CA THR A 137 -7.43 -24.26 16.21
C THR A 137 -5.95 -24.03 16.38
N ILE A 138 -5.54 -23.81 17.62
CA ILE A 138 -4.12 -23.72 17.95
C ILE A 138 -3.68 -24.96 18.70
N MET A 139 -2.62 -25.59 18.20
CA MET A 139 -2.07 -26.82 18.77
C MET A 139 -0.57 -26.75 18.91
N ALA A 140 -0.05 -27.57 19.82
CA ALA A 140 1.38 -27.75 19.99
C ALA A 140 1.83 -28.93 19.14
N LYS A 141 2.78 -28.70 18.25
CA LYS A 141 3.35 -29.77 17.45
C LYS A 141 4.19 -30.70 18.32
N ASN A 142 4.09 -31.98 17.99
CA ASN A 142 4.93 -33.01 18.58
C ASN A 142 6.02 -33.40 17.59
N GLU A 143 7.20 -32.84 17.79
CA GLU A 143 8.36 -33.09 16.93
C GLU A 143 9.57 -33.57 17.71
N VAL A 144 10.36 -34.42 17.05
CA VAL A 144 11.50 -35.06 17.69
C VAL A 144 12.83 -34.33 17.39
N PHE A 145 13.64 -34.20 18.44
CA PHE A 145 14.97 -33.56 18.34
C PHE A 145 16.01 -34.21 19.24
N CYS A 146 17.26 -33.84 18.97
CA CYS A 146 18.37 -34.16 19.88
C CYS A 146 18.63 -32.95 20.78
N VAL A 147 18.96 -33.21 22.04
CA VAL A 147 19.25 -32.11 22.98
C VAL A 147 20.41 -31.25 22.48
N GLN A 148 20.30 -29.94 22.74
CA GLN A 148 21.31 -28.91 22.42
C GLN A 148 21.92 -29.07 21.02
N ARG A 154 16.54 -28.05 25.63
CA ARG A 154 15.41 -28.49 24.80
C ARG A 154 14.67 -27.32 24.17
N LYS A 155 14.23 -27.53 22.93
CA LYS A 155 13.40 -26.56 22.20
C LYS A 155 11.95 -26.68 22.68
N PRO A 156 11.28 -25.53 22.88
CA PRO A 156 9.85 -25.62 23.16
C PRO A 156 9.08 -25.99 21.91
N ALA A 157 7.88 -26.52 22.10
CA ALA A 157 7.05 -26.96 20.98
C ALA A 157 6.77 -25.82 20.02
N ARG A 158 6.88 -26.08 18.73
CA ARG A 158 6.38 -25.14 17.72
C ARG A 158 4.85 -25.18 17.72
N LEU A 159 4.23 -24.09 17.31
CA LEU A 159 2.77 -24.02 17.28
C LEU A 159 2.25 -24.13 15.85
N ILE A 160 1.10 -24.79 15.73
CA ILE A 160 0.35 -24.86 14.47
C ILE A 160 -1.04 -24.25 14.65
N VAL A 161 -1.39 -23.37 13.71
CA VAL A 161 -2.70 -22.71 13.69
C VAL A 161 -3.42 -23.01 12.37
N PHE A 162 -4.62 -23.60 12.46
CA PHE A 162 -5.33 -24.09 11.27
C PHE A 162 -6.86 -24.02 11.38
N PRO A 163 -7.54 -23.80 10.25
CA PRO A 163 -8.99 -23.72 10.27
C PRO A 163 -9.64 -25.06 10.00
N ASP A 164 -10.98 -25.08 10.06
CA ASP A 164 -11.73 -26.33 9.90
C ASP A 164 -11.49 -26.95 8.51
N LEU A 165 -11.59 -28.27 8.46
CA LEU A 165 -11.46 -29.06 7.23
C LEU A 165 -12.26 -28.49 6.04
N GLY A 166 -13.48 -28.05 6.32
CA GLY A 166 -14.35 -27.47 5.30
C GLY A 166 -13.75 -26.22 4.67
N VAL A 167 -13.13 -25.39 5.51
CA VAL A 167 -12.45 -24.17 5.04
C VAL A 167 -11.22 -24.54 4.21
N ARG A 168 -10.52 -25.59 4.66
CA ARG A 168 -9.28 -26.02 3.99
C ARG A 168 -9.56 -26.50 2.56
N VAL A 169 -10.66 -27.24 2.38
CA VAL A 169 -11.05 -27.67 1.03
C VAL A 169 -11.35 -26.44 0.17
N CYS A 170 -11.99 -25.45 0.78
CA CYS A 170 -12.31 -24.20 0.09
C CYS A 170 -11.07 -23.40 -0.32
N GLU A 171 -10.06 -23.42 0.54
CA GLU A 171 -8.77 -22.76 0.22
C GLU A 171 -8.20 -23.35 -1.05
N LYS A 172 -8.23 -24.68 -1.14
CA LYS A 172 -7.70 -25.39 -2.30
C LYS A 172 -8.43 -24.94 -3.57
N MET A 173 -9.75 -24.85 -3.46
CA MET A 173 -10.59 -24.43 -4.60
C MET A 173 -10.16 -23.07 -5.12
N ALA A 174 -10.04 -22.12 -4.20
CA ALA A 174 -9.74 -20.74 -4.54
C ALA A 174 -8.27 -20.50 -4.94
N LEU A 175 -7.36 -21.24 -4.30
CA LEU A 175 -5.93 -20.84 -4.29
C LEU A 175 -4.88 -21.88 -4.67
N TYR A 176 -5.27 -23.15 -4.81
CA TYR A 176 -4.29 -24.21 -5.07
C TYR A 176 -3.49 -23.93 -6.34
N ASP A 177 -4.19 -23.59 -7.41
CA ASP A 177 -3.55 -23.29 -8.69
C ASP A 177 -2.68 -22.05 -8.59
N VAL A 178 -3.17 -21.06 -7.85
CA VAL A 178 -2.42 -19.82 -7.61
C VAL A 178 -1.08 -20.09 -6.93
N VAL A 179 -1.13 -20.76 -5.77
CA VAL A 179 0.09 -20.99 -4.96
C VAL A 179 1.05 -21.99 -5.62
N SER A 180 0.52 -22.74 -6.59
CA SER A 180 1.32 -23.71 -7.35
C SER A 180 2.07 -23.10 -8.53
N THR A 181 1.51 -22.04 -9.11
CA THR A 181 2.02 -21.47 -10.36
C THR A 181 2.65 -20.08 -10.23
N LEU A 182 2.05 -19.25 -9.39
CA LEU A 182 2.42 -17.83 -9.27
C LEU A 182 3.87 -17.56 -8.79
N PRO A 183 4.34 -18.24 -7.73
CA PRO A 183 5.66 -17.94 -7.16
C PRO A 183 6.79 -18.08 -8.17
N GLN A 184 6.74 -19.15 -8.97
CA GLN A 184 7.77 -19.38 -10.01
C GLN A 184 7.79 -18.25 -11.04
N VAL A 185 6.59 -17.82 -11.43
CA VAL A 185 6.45 -16.73 -12.39
C VAL A 185 6.95 -15.41 -11.80
N VAL A 186 6.65 -15.17 -10.54
CA VAL A 186 7.00 -13.89 -9.89
C VAL A 186 8.49 -13.82 -9.54
N MET A 187 9.03 -14.93 -9.05
CA MET A 187 10.40 -14.97 -8.48
C MET A 187 11.44 -15.63 -9.38
N GLY A 188 10.95 -16.29 -10.43
CA GLY A 188 11.81 -16.94 -11.41
C GLY A 188 12.72 -17.99 -10.79
N SER A 189 13.99 -17.92 -11.14
CA SER A 189 14.98 -18.91 -10.68
C SER A 189 15.21 -18.84 -9.16
N SER A 190 14.81 -17.73 -8.55
CA SER A 190 14.96 -17.55 -7.09
C SER A 190 13.99 -18.39 -6.26
N TYR A 191 12.92 -18.88 -6.91
CA TYR A 191 11.92 -19.71 -6.21
C TYR A 191 12.45 -21.12 -5.94
N GLY A 192 12.71 -21.39 -4.67
CA GLY A 192 13.49 -22.57 -4.24
C GLY A 192 12.80 -23.92 -4.29
N PHE A 193 11.47 -23.91 -4.28
CA PHE A 193 10.68 -25.14 -4.27
C PHE A 193 10.58 -25.81 -5.66
N GLN A 194 11.05 -25.12 -6.70
CA GLN A 194 11.03 -25.68 -8.08
C GLN A 194 12.17 -26.68 -8.33
N TYR A 195 13.18 -26.66 -7.47
CA TYR A 195 14.37 -27.50 -7.63
C TYR A 195 14.31 -28.80 -6.82
N SER A 196 14.67 -29.89 -7.47
CA SER A 196 15.09 -31.11 -6.76
C SER A 196 16.39 -30.77 -6.03
N PRO A 197 16.86 -31.64 -5.11
CA PRO A 197 18.14 -31.37 -4.46
C PRO A 197 19.30 -31.22 -5.44
N GLY A 198 19.29 -32.06 -6.47
CA GLY A 198 20.35 -32.07 -7.49
C GLY A 198 20.33 -30.83 -8.37
N GLN A 199 19.12 -30.41 -8.73
CA GLN A 199 18.91 -29.19 -9.50
C GLN A 199 19.26 -27.96 -8.67
N ARG A 200 19.00 -28.03 -7.37
CA ARG A 200 19.34 -26.94 -6.45
C ARG A 200 20.87 -26.75 -6.42
N VAL A 201 21.57 -27.85 -6.23
CA VAL A 201 23.04 -27.85 -6.22
C VAL A 201 23.59 -27.27 -7.51
N GLU A 202 23.06 -27.76 -8.63
CA GLU A 202 23.46 -27.30 -9.97
C GLU A 202 23.22 -25.79 -10.13
N PHE A 203 22.10 -25.31 -9.60
CA PHE A 203 21.80 -23.87 -9.66
C PHE A 203 22.78 -23.06 -8.82
N LEU A 204 23.06 -23.55 -7.63
CA LEU A 204 23.98 -22.86 -6.70
C LEU A 204 25.39 -22.79 -7.25
N VAL A 205 25.84 -23.89 -7.86
CA VAL A 205 27.20 -23.98 -8.41
C VAL A 205 27.37 -23.05 -9.62
N ASN A 206 26.42 -23.13 -10.54
CA ASN A 206 26.41 -22.25 -11.72
C ASN A 206 26.35 -20.78 -11.32
N THR A 207 25.56 -20.50 -10.29
CA THR A 207 25.39 -19.14 -9.78
C THR A 207 26.69 -18.62 -9.16
N TRP A 208 27.34 -19.48 -8.39
CA TRP A 208 28.60 -19.16 -7.73
C TRP A 208 29.69 -18.86 -8.76
N LYS A 209 29.68 -19.64 -9.83
CA LYS A 209 30.68 -19.51 -10.91
C LYS A 209 30.41 -18.33 -11.84
N SER A 210 29.17 -17.86 -11.84
CA SER A 210 28.75 -16.72 -12.69
C SER A 210 29.19 -15.38 -12.12
N LYS A 211 29.74 -15.39 -10.91
CA LYS A 211 30.32 -14.19 -10.31
C LYS A 211 31.84 -14.22 -10.46
N LYS A 212 32.42 -13.05 -10.71
CA LYS A 212 33.87 -12.91 -10.89
C LYS A 212 34.57 -13.20 -9.57
N ASN A 213 34.11 -12.52 -8.53
CA ASN A 213 34.58 -12.73 -7.15
C ASN A 213 33.37 -13.01 -6.25
N PRO A 214 32.96 -14.29 -6.15
CA PRO A 214 31.72 -14.57 -5.45
C PRO A 214 31.77 -14.37 -3.95
N MET A 215 30.67 -13.86 -3.43
CA MET A 215 30.37 -13.87 -2.01
C MET A 215 28.94 -14.34 -1.82
N GLY A 216 28.70 -15.01 -0.69
CA GLY A 216 27.37 -15.48 -0.36
C GLY A 216 27.08 -15.50 1.13
N PHE A 217 25.80 -15.39 1.46
CA PHE A 217 25.36 -15.51 2.85
C PHE A 217 23.94 -16.05 2.98
N SER A 218 23.69 -16.65 4.13
CA SER A 218 22.34 -17.04 4.52
C SER A 218 21.82 -15.98 5.46
N TYR A 219 20.52 -15.73 5.39
CA TYR A 219 19.84 -14.84 6.32
C TYR A 219 18.64 -15.56 6.92
N ASP A 220 18.69 -15.74 8.23
CA ASP A 220 17.63 -16.45 8.95
C ASP A 220 16.89 -15.53 9.90
N THR A 221 15.63 -15.25 9.58
CA THR A 221 14.80 -14.33 10.36
C THR A 221 14.37 -14.99 11.66
N ARG A 222 14.35 -14.18 12.70
CA ARG A 222 13.87 -14.62 14.01
C ARG A 222 12.33 -14.75 14.03
N CYS A 223 11.84 -15.97 14.15
CA CYS A 223 10.41 -16.24 14.30
CA CYS A 223 10.40 -16.24 14.30
C CYS A 223 9.60 -15.56 13.18
N PHE A 224 9.89 -15.98 11.95
CA PHE A 224 9.40 -15.31 10.74
C PHE A 224 7.88 -15.14 10.70
N ASP A 225 7.16 -16.19 11.06
CA ASP A 225 5.69 -16.17 11.05
C ASP A 225 5.14 -14.99 11.87
N SER A 226 5.76 -14.77 13.03
CA SER A 226 5.34 -13.70 13.94
C SER A 226 5.69 -12.30 13.43
N THR A 227 6.72 -12.22 12.59
CA THR A 227 7.15 -10.94 12.01
C THR A 227 6.26 -10.51 10.81
N VAL A 228 5.46 -11.45 10.31
CA VAL A 228 4.53 -11.15 9.22
C VAL A 228 3.38 -10.28 9.74
N THR A 229 3.24 -9.09 9.17
CA THR A 229 2.22 -8.12 9.58
C THR A 229 0.95 -8.17 8.73
N GLU A 230 -0.05 -7.39 9.15
CA GLU A 230 -1.31 -7.23 8.41
C GLU A 230 -1.03 -6.69 7.02
N ASN A 231 -0.14 -5.70 6.96
CA ASN A 231 0.34 -5.10 5.70
C ASN A 231 0.89 -6.15 4.76
N ASP A 232 1.77 -6.99 5.30
CA ASP A 232 2.44 -8.03 4.51
C ASP A 232 1.40 -8.96 3.85
N ILE A 233 0.40 -9.31 4.65
CA ILE A 233 -0.63 -10.28 4.23
C ILE A 233 -1.59 -9.67 3.21
N ARG A 234 -1.86 -8.37 3.36
CA ARG A 234 -2.66 -7.63 2.36
C ARG A 234 -1.86 -7.43 1.07
N VAL A 235 -0.58 -7.15 1.21
CA VAL A 235 0.31 -7.01 0.05
C VAL A 235 0.37 -8.31 -0.75
N GLU A 236 0.45 -9.44 -0.04
CA GLU A 236 0.40 -10.77 -0.67
C GLU A 236 -0.89 -10.94 -1.48
N GLU A 237 -2.00 -10.54 -0.87
CA GLU A 237 -3.31 -10.62 -1.53
C GLU A 237 -3.34 -9.78 -2.79
N SER A 238 -2.77 -8.58 -2.72
CA SER A 238 -2.74 -7.67 -3.87
C SER A 238 -1.98 -8.31 -5.04
N ILE A 239 -0.98 -9.12 -4.72
CA ILE A 239 -0.23 -9.88 -5.73
C ILE A 239 -1.09 -10.99 -6.35
N TYR A 240 -1.74 -11.78 -5.50
CA TYR A 240 -2.64 -12.86 -5.97
C TYR A 240 -3.67 -12.29 -6.91
N GLN A 241 -4.18 -11.11 -6.55
CA GLN A 241 -5.29 -10.46 -7.28
C GLN A 241 -4.86 -9.90 -8.63
N CYS A 242 -3.55 -9.80 -8.87
CA CYS A 242 -3.04 -9.44 -10.21
C CYS A 242 -3.27 -10.52 -11.25
N CYS A 243 -3.47 -11.76 -10.79
CA CYS A 243 -3.69 -12.89 -11.68
C CYS A 243 -4.97 -12.73 -12.48
N ASP A 244 -4.98 -13.37 -13.65
CA ASP A 244 -6.22 -13.60 -14.41
C ASP A 244 -7.00 -14.68 -13.68
N LEU A 245 -8.10 -14.26 -13.07
CA LEU A 245 -8.90 -15.12 -12.19
C LEU A 245 -10.38 -15.06 -12.53
N ALA A 246 -11.07 -16.15 -12.23
CA ALA A 246 -12.54 -16.16 -12.21
C ALA A 246 -13.02 -15.19 -11.12
N PRO A 247 -14.11 -14.45 -11.38
CA PRO A 247 -14.69 -13.55 -10.39
C PRO A 247 -14.95 -14.21 -9.04
N GLU A 248 -15.47 -15.41 -9.08
CA GLU A 248 -15.72 -16.21 -7.88
C GLU A 248 -14.44 -16.42 -7.05
N ALA A 249 -13.35 -16.71 -7.76
CA ALA A 249 -12.04 -16.93 -7.14
C ALA A 249 -11.52 -15.65 -6.47
N ARG A 250 -11.73 -14.51 -7.14
CA ARG A 250 -11.31 -13.20 -6.61
C ARG A 250 -11.96 -12.91 -5.28
N GLN A 251 -13.26 -13.16 -5.23
CA GLN A 251 -14.07 -12.90 -4.04
C GLN A 251 -13.66 -13.79 -2.87
N ALA A 252 -13.47 -15.08 -3.17
CA ALA A 252 -13.04 -16.06 -2.17
C ALA A 252 -11.66 -15.72 -1.59
N ILE A 253 -10.79 -15.20 -2.44
CA ILE A 253 -9.41 -14.83 -2.04
C ILE A 253 -9.42 -13.57 -1.19
N LYS A 254 -10.31 -12.65 -1.54
CA LYS A 254 -10.52 -11.44 -0.74
C LYS A 254 -11.08 -11.83 0.62
N SER A 255 -12.10 -12.68 0.59
CA SER A 255 -12.77 -13.15 1.80
C SER A 255 -11.81 -13.90 2.73
N LEU A 256 -11.10 -14.87 2.17
CA LEU A 256 -10.15 -15.67 2.96
C LEU A 256 -9.08 -14.80 3.60
N THR A 257 -8.64 -13.78 2.86
CA THR A 257 -7.60 -12.85 3.33
C THR A 257 -8.10 -12.04 4.53
N GLU A 258 -9.29 -11.48 4.39
CA GLU A 258 -9.86 -10.64 5.45
C GLU A 258 -10.22 -11.44 6.70
N ARG A 259 -10.75 -12.62 6.48
CA ARG A 259 -11.38 -13.41 7.54
C ARG A 259 -10.45 -14.39 8.21
N LEU A 260 -9.41 -14.81 7.49
CA LEU A 260 -8.52 -15.89 7.93
C LEU A 260 -7.05 -15.51 7.94
N TYR A 261 -6.53 -15.14 6.77
CA TYR A 261 -5.07 -14.99 6.60
C TYR A 261 -4.49 -13.85 7.45
N ILE A 262 -5.21 -12.72 7.50
CA ILE A 262 -4.72 -11.54 8.25
C ILE A 262 -4.71 -11.77 9.75
N GLY A 263 -5.64 -12.59 10.21
CA GLY A 263 -5.78 -12.86 11.63
C GLY A 263 -7.08 -13.51 12.00
N GLY A 264 -7.19 -13.85 13.27
CA GLY A 264 -8.42 -14.41 13.83
C GLY A 264 -8.30 -14.97 15.24
N PRO A 265 -9.44 -15.41 15.80
CA PRO A 265 -9.45 -15.97 17.12
C PRO A 265 -8.79 -17.32 17.14
N LEU A 266 -8.22 -17.64 18.29
CA LEU A 266 -7.48 -18.88 18.50
C LEU A 266 -8.22 -19.69 19.53
N THR A 267 -8.55 -20.91 19.15
CA THR A 267 -9.29 -21.83 20.02
C THR A 267 -8.48 -23.10 20.26
N ASN A 268 -8.44 -23.56 21.51
CA ASN A 268 -7.74 -24.82 21.81
C ASN A 268 -8.58 -26.05 21.49
N SER A 269 -7.99 -27.22 21.68
CA SER A 269 -8.62 -28.50 21.34
C SER A 269 -9.88 -28.78 22.16
N LYS A 270 -9.94 -28.18 23.34
CA LYS A 270 -11.11 -28.31 24.25
C LYS A 270 -12.20 -27.27 23.95
N GLY A 271 -11.99 -26.44 22.94
CA GLY A 271 -12.96 -25.42 22.52
C GLY A 271 -12.89 -24.09 23.26
N GLN A 272 -11.82 -23.87 24.01
CA GLN A 272 -11.65 -22.59 24.73
C GLN A 272 -10.91 -21.54 23.93
N ASN A 273 -11.34 -20.30 24.08
CA ASN A 273 -10.67 -19.15 23.46
C ASN A 273 -9.31 -18.87 24.11
N CYS A 274 -8.26 -19.10 23.33
CA CYS A 274 -6.87 -18.91 23.77
C CYS A 274 -6.35 -17.49 23.54
N GLY A 275 -6.98 -16.80 22.59
CA GLY A 275 -6.61 -15.44 22.26
C GLY A 275 -6.81 -15.08 20.81
N TYR A 276 -5.92 -14.22 20.31
CA TYR A 276 -6.07 -13.64 18.97
C TYR A 276 -4.74 -13.47 18.21
N ARG A 277 -4.77 -13.84 16.94
CA ARG A 277 -3.60 -13.81 16.06
C ARG A 277 -3.67 -12.63 15.07
N ARG A 278 -2.53 -11.93 14.95
CA ARG A 278 -2.35 -10.80 14.01
C ARG A 278 -1.11 -11.00 13.13
N CYS A 279 -0.77 -12.26 12.90
CA CYS A 279 0.40 -12.62 12.12
C CYS A 279 0.10 -13.84 11.27
N ARG A 280 1.14 -14.40 10.66
CA ARG A 280 0.99 -15.57 9.78
C ARG A 280 0.48 -16.81 10.52
N ALA A 281 -0.58 -17.38 9.97
CA ALA A 281 -1.05 -18.71 10.37
C ALA A 281 -0.15 -19.76 9.74
N SER A 282 0.38 -20.65 10.56
CA SER A 282 1.32 -21.68 10.08
C SER A 282 0.62 -22.84 9.34
N GLY A 283 -0.68 -22.95 9.51
CA GLY A 283 -1.44 -24.11 9.04
C GLY A 283 -2.49 -23.79 8.01
N VAL A 284 -2.15 -22.87 7.10
CA VAL A 284 -3.01 -22.55 5.96
C VAL A 284 -2.29 -22.77 4.63
N LEU A 285 -3.10 -22.86 3.57
CA LEU A 285 -2.61 -23.22 2.24
C LEU A 285 -1.58 -22.26 1.70
N THR A 286 -1.79 -20.99 2.02
CA THR A 286 -0.94 -19.89 1.55
C THR A 286 0.31 -19.65 2.41
N THR A 287 0.54 -20.48 3.42
CA THR A 287 1.63 -20.25 4.38
C THR A 287 3.00 -20.22 3.67
N SER A 288 3.24 -21.24 2.87
CA SER A 288 4.52 -21.39 2.14
C SER A 288 4.71 -20.30 1.10
N CYS A 289 3.69 -20.15 0.25
CA CYS A 289 3.70 -19.17 -0.84
C CYS A 289 3.82 -17.74 -0.31
N GLY A 290 3.02 -17.44 0.70
CA GLY A 290 3.01 -16.11 1.32
C GLY A 290 4.33 -15.75 2.01
N ASN A 291 4.89 -16.70 2.75
CA ASN A 291 6.19 -16.49 3.41
C ASN A 291 7.30 -16.27 2.38
N THR A 292 7.22 -17.05 1.29
CA THR A 292 8.24 -17.01 0.24
C THR A 292 8.21 -15.67 -0.49
N LEU A 293 7.00 -15.25 -0.85
CA LEU A 293 6.81 -13.95 -1.51
C LEU A 293 7.28 -12.80 -0.63
N THR A 294 6.86 -12.83 0.63
CA THR A 294 7.18 -11.77 1.59
C THR A 294 8.68 -11.71 1.89
N CYS A 295 9.30 -12.87 2.03
CA CYS A 295 10.75 -12.95 2.27
C CYS A 295 11.51 -12.40 1.07
N TYR A 296 11.07 -12.81 -0.11
CA TYR A 296 11.66 -12.38 -1.38
C TYR A 296 11.55 -10.87 -1.56
N LEU A 297 10.38 -10.35 -1.23
CA LEU A 297 10.11 -8.90 -1.38
C LEU A 297 11.03 -8.08 -0.47
N LYS A 298 11.04 -8.42 0.80
CA LYS A 298 11.81 -7.69 1.81
C LYS A 298 13.30 -7.81 1.50
N ALA A 299 13.73 -9.02 1.15
CA ALA A 299 15.15 -9.30 0.87
C ALA A 299 15.63 -8.63 -0.41
N SER A 300 14.80 -8.64 -1.46
CA SER A 300 15.15 -7.98 -2.73
C SER A 300 15.33 -6.48 -2.53
N ALA A 301 14.40 -5.89 -1.79
CA ALA A 301 14.45 -4.46 -1.46
C ALA A 301 15.68 -4.13 -0.61
N ALA A 302 16.00 -5.02 0.32
CA ALA A 302 17.14 -4.86 1.21
C ALA A 302 18.47 -4.97 0.45
N CYS A 303 18.49 -5.81 -0.58
CA CYS A 303 19.67 -5.91 -1.46
C CYS A 303 19.99 -4.58 -2.13
N ARG A 304 18.93 -3.90 -2.56
CA ARG A 304 19.06 -2.60 -3.24
C ARG A 304 19.57 -1.54 -2.26
N ALA A 305 18.96 -1.52 -1.08
CA ALA A 305 19.38 -0.62 0.00
C ALA A 305 20.86 -0.79 0.32
N ALA A 306 21.31 -2.05 0.37
CA ALA A 306 22.70 -2.38 0.71
C ALA A 306 23.64 -2.23 -0.48
N LYS A 307 23.08 -1.94 -1.65
CA LYS A 307 23.86 -1.73 -2.88
C LYS A 307 24.72 -2.93 -3.25
N LEU A 308 24.22 -4.12 -2.93
CA LEU A 308 24.93 -5.35 -3.31
C LEU A 308 24.91 -5.48 -4.83
N GLN A 309 26.03 -5.93 -5.39
CA GLN A 309 26.21 -6.02 -6.84
C GLN A 309 25.90 -7.41 -7.40
N ASP A 310 25.06 -7.43 -8.43
CA ASP A 310 24.75 -8.64 -9.18
C ASP A 310 24.22 -9.74 -8.26
N CYS A 311 23.21 -9.36 -7.47
CA CYS A 311 22.57 -10.24 -6.52
C CYS A 311 21.75 -11.34 -7.17
N THR A 312 22.06 -12.57 -6.82
CA THR A 312 21.20 -13.73 -7.10
C THR A 312 20.65 -14.28 -5.79
N MET A 313 19.34 -14.32 -5.69
CA MET A 313 18.68 -14.81 -4.48
C MET A 313 18.10 -16.19 -4.66
N LEU A 314 18.11 -16.95 -3.57
CA LEU A 314 17.41 -18.21 -3.46
C LEU A 314 16.58 -18.20 -2.18
N VAL A 315 15.28 -18.36 -2.38
CA VAL A 315 14.29 -18.22 -1.31
C VAL A 315 13.27 -19.36 -1.30
N ASN A 316 13.10 -19.98 -0.14
CA ASN A 316 11.97 -20.89 0.11
C ASN A 316 11.43 -20.76 1.53
N GLY A 317 10.16 -20.41 1.63
CA GLY A 317 9.56 -20.00 2.88
C GLY A 317 10.32 -18.84 3.49
N ASP A 318 10.73 -19.01 4.74
CA ASP A 318 11.46 -17.98 5.48
C ASP A 318 12.97 -18.13 5.32
N ASP A 319 13.38 -19.13 4.57
CA ASP A 319 14.80 -19.38 4.35
C ASP A 319 15.29 -18.69 3.08
N LEU A 320 16.43 -18.04 3.25
CA LEU A 320 16.98 -17.13 2.25
C LEU A 320 18.50 -17.27 2.14
N VAL A 321 18.95 -17.36 0.89
CA VAL A 321 20.37 -17.29 0.56
C VAL A 321 20.58 -16.31 -0.58
N VAL A 322 21.57 -15.43 -0.40
CA VAL A 322 21.98 -14.49 -1.43
C VAL A 322 23.42 -14.76 -1.86
N ILE A 323 23.62 -14.86 -3.16
CA ILE A 323 24.96 -14.91 -3.77
C ILE A 323 25.13 -13.71 -4.69
N CYS A 324 26.24 -13.01 -4.51
CA CYS A 324 26.50 -11.75 -5.21
C CYS A 324 27.98 -11.50 -5.51
N GLU A 325 28.26 -10.36 -6.11
CA GLU A 325 29.61 -9.96 -6.46
C GLU A 325 30.27 -9.31 -5.25
N SER A 326 31.39 -9.88 -4.82
CA SER A 326 32.12 -9.34 -3.67
C SER A 326 32.72 -7.99 -4.04
N ALA A 327 32.71 -7.10 -3.06
CA ALA A 327 33.37 -5.81 -3.19
C ALA A 327 34.56 -5.72 -2.25
N GLY A 328 35.02 -6.88 -1.80
CA GLY A 328 36.07 -7.00 -0.78
C GLY A 328 35.53 -7.34 0.60
N VAL A 329 36.38 -7.91 1.45
CA VAL A 329 35.96 -8.46 2.76
C VAL A 329 35.31 -7.42 3.67
N GLN A 330 35.96 -6.27 3.78
CA GLN A 330 35.53 -5.20 4.70
C GLN A 330 34.27 -4.50 4.20
N GLU A 331 34.20 -4.36 2.89
CA GLU A 331 33.07 -3.72 2.23
C GLU A 331 31.83 -4.61 2.35
N ASP A 332 32.03 -5.89 2.10
CA ASP A 332 30.97 -6.92 2.17
C ASP A 332 30.36 -7.00 3.57
N ALA A 333 31.23 -7.00 4.57
CA ALA A 333 30.80 -7.02 5.98
C ALA A 333 29.89 -5.84 6.27
N ALA A 334 30.29 -4.67 5.77
CA ALA A 334 29.51 -3.44 5.94
C ALA A 334 28.16 -3.52 5.23
N SER A 335 28.17 -4.05 4.00
CA SER A 335 26.96 -4.12 3.17
C SER A 335 25.90 -5.01 3.82
N LEU A 336 26.35 -6.09 4.45
CA LEU A 336 25.46 -7.04 5.17
C LEU A 336 24.79 -6.38 6.37
N ARG A 337 25.52 -5.51 7.07
CA ARG A 337 24.96 -4.77 8.20
C ARG A 337 23.82 -3.85 7.73
N VAL A 338 24.04 -3.24 6.58
CA VAL A 338 23.03 -2.38 5.94
C VAL A 338 21.82 -3.22 5.47
N PHE A 339 22.10 -4.38 4.90
CA PHE A 339 21.07 -5.35 4.49
C PHE A 339 20.20 -5.71 5.70
N THR A 340 20.88 -6.02 6.79
CA THR A 340 20.24 -6.41 8.06
C THR A 340 19.39 -5.29 8.64
N GLU A 341 19.91 -4.07 8.56
CA GLU A 341 19.18 -2.88 9.02
C GLU A 341 17.89 -2.70 8.22
N ALA A 342 17.99 -2.87 6.91
CA ALA A 342 16.84 -2.72 6.00
C ALA A 342 15.79 -3.78 6.31
N MET A 343 16.24 -5.03 6.44
CA MET A 343 15.34 -6.16 6.73
C MET A 343 14.60 -5.94 8.03
N THR A 344 15.32 -5.43 9.02
CA THR A 344 14.76 -5.13 10.34
C THR A 344 13.69 -4.04 10.28
N ARG A 345 13.97 -2.99 9.51
CA ARG A 345 12.98 -1.92 9.29
C ARG A 345 11.71 -2.48 8.64
N TYR A 346 11.89 -3.49 7.79
CA TYR A 346 10.77 -4.20 7.15
C TYR A 346 10.15 -5.26 8.07
N SER A 347 10.48 -5.18 9.37
CA SER A 347 9.98 -6.06 10.44
C SER A 347 10.62 -7.43 10.55
N ALA A 348 11.72 -7.68 9.84
CA ALA A 348 12.33 -9.03 9.79
C ALA A 348 13.79 -9.06 10.28
N PRO A 349 14.01 -8.85 11.59
CA PRO A 349 15.37 -8.90 12.09
C PRO A 349 15.88 -10.33 12.15
N PRO A 350 17.21 -10.50 12.13
CA PRO A 350 17.81 -11.81 12.10
C PRO A 350 17.84 -12.44 13.48
N GLY A 351 17.77 -13.76 13.52
CA GLY A 351 17.99 -14.52 14.74
C GLY A 351 19.47 -14.43 15.11
N ASP A 352 20.31 -14.72 14.12
CA ASP A 352 21.77 -14.58 14.21
C ASP A 352 22.24 -13.68 13.06
N PRO A 353 23.21 -12.78 13.32
CA PRO A 353 23.62 -11.88 12.24
C PRO A 353 24.22 -12.65 11.06
N PRO A 354 23.96 -12.20 9.81
CA PRO A 354 24.50 -12.88 8.66
C PRO A 354 26.01 -12.71 8.53
N GLN A 355 26.66 -13.73 8.00
CA GLN A 355 28.10 -13.70 7.79
C GLN A 355 28.42 -13.96 6.31
N PRO A 356 29.28 -13.12 5.71
CA PRO A 356 29.67 -13.37 4.33
C PRO A 356 30.58 -14.58 4.24
N GLU A 357 30.37 -15.38 3.19
CA GLU A 357 31.18 -16.57 2.94
C GLU A 357 31.78 -16.51 1.55
N TYR A 358 32.99 -17.02 1.43
CA TYR A 358 33.76 -16.97 0.18
C TYR A 358 34.06 -18.37 -0.34
N ASP A 359 33.35 -19.34 0.23
CA ASP A 359 33.31 -20.71 -0.26
C ASP A 359 31.87 -21.23 -0.19
N LEU A 360 31.36 -21.69 -1.32
CA LEU A 360 29.97 -22.14 -1.44
C LEU A 360 29.59 -23.14 -0.36
N GLU A 361 30.49 -24.07 -0.08
CA GLU A 361 30.25 -25.19 0.85
C GLU A 361 30.09 -24.76 2.30
N LEU A 362 30.55 -23.56 2.62
CA LEU A 362 30.46 -23.04 3.99
C LEU A 362 29.13 -22.34 4.27
N ILE A 363 28.34 -22.13 3.22
CA ILE A 363 27.01 -21.54 3.37
C ILE A 363 26.03 -22.61 3.84
N THR A 364 25.44 -22.39 5.00
CA THR A 364 24.42 -23.27 5.55
C THR A 364 23.02 -22.65 5.47
N SER A 365 22.08 -23.42 4.96
CA SER A 365 20.67 -23.01 4.88
C SER A 365 19.78 -24.22 4.89
N CYS A 366 18.66 -24.13 5.61
CA CYS A 366 17.76 -25.26 5.87
C CYS A 366 18.53 -26.45 6.44
N SER A 367 19.49 -26.13 7.32
CA SER A 367 20.36 -27.10 7.99
C SER A 367 21.26 -27.87 7.03
N SER A 368 21.30 -27.40 5.78
CA SER A 368 22.00 -28.11 4.71
C SER A 368 23.13 -27.30 4.11
N ASN A 369 24.02 -28.02 3.44
CA ASN A 369 25.13 -27.41 2.69
C ASN A 369 25.53 -28.23 1.48
N VAL A 370 26.19 -27.56 0.53
CA VAL A 370 26.78 -28.23 -0.61
C VAL A 370 28.09 -28.90 -0.20
N SER A 371 28.25 -30.14 -0.65
CA SER A 371 29.48 -30.88 -0.43
C SER A 371 29.91 -31.62 -1.68
N VAL A 372 31.12 -32.19 -1.64
CA VAL A 372 31.69 -32.87 -2.79
C VAL A 372 32.01 -34.34 -2.49
N ALA A 373 31.66 -35.17 -3.46
CA ALA A 373 32.10 -36.57 -3.47
C ALA A 373 32.59 -36.91 -4.88
N HIS A 374 32.92 -38.17 -5.11
CA HIS A 374 33.36 -38.62 -6.43
C HIS A 374 32.55 -39.79 -6.95
N ASP A 375 32.29 -39.75 -8.26
CA ASP A 375 31.57 -40.84 -8.94
C ASP A 375 32.50 -41.99 -9.28
N ALA A 376 31.96 -42.98 -10.00
CA ALA A 376 32.70 -44.21 -10.32
C ALA A 376 33.96 -43.90 -11.13
N SER A 377 33.85 -42.92 -12.02
CA SER A 377 34.96 -42.51 -12.89
C SER A 377 36.04 -41.71 -12.16
N GLY A 378 35.70 -41.27 -10.96
CA GLY A 378 36.58 -40.41 -10.16
C GLY A 378 36.28 -38.93 -10.32
N LYS A 379 35.29 -38.62 -11.14
CA LYS A 379 34.87 -37.23 -11.34
C LYS A 379 34.20 -36.64 -10.09
N ARG A 380 34.50 -35.38 -9.84
CA ARG A 380 33.89 -34.64 -8.72
C ARG A 380 32.40 -34.45 -8.93
N VAL A 381 31.62 -34.81 -7.92
CA VAL A 381 30.17 -34.64 -7.92
C VAL A 381 29.69 -33.88 -6.71
N TYR A 382 29.07 -32.73 -6.98
CA TYR A 382 28.48 -31.90 -5.93
C TYR A 382 27.12 -32.45 -5.54
N TYR A 383 26.82 -32.38 -4.25
CA TYR A 383 25.55 -32.87 -3.73
C TYR A 383 25.13 -32.10 -2.48
N LEU A 384 23.85 -32.23 -2.13
CA LEU A 384 23.31 -31.60 -0.94
C LEU A 384 23.35 -32.57 0.23
N THR A 385 23.99 -32.14 1.30
CA THR A 385 23.99 -32.88 2.55
C THR A 385 23.42 -32.02 3.67
N ARG A 386 23.37 -32.59 4.86
CA ARG A 386 22.99 -31.87 6.07
C ARG A 386 23.53 -32.57 7.29
N ASP A 387 23.52 -31.83 8.40
CA ASP A 387 23.81 -32.41 9.70
C ASP A 387 22.82 -33.55 9.94
N PRO A 388 23.32 -34.76 10.27
CA PRO A 388 22.44 -35.91 10.37
C PRO A 388 21.84 -36.11 11.76
N THR A 389 22.12 -35.20 12.68
CA THR A 389 21.67 -35.35 14.06
C THR A 389 20.15 -35.53 14.19
N THR A 390 19.42 -34.60 13.60
CA THR A 390 17.94 -34.62 13.66
C THR A 390 17.34 -35.83 12.92
N PRO A 391 17.76 -36.07 11.67
CA PRO A 391 17.34 -37.29 10.99
C PRO A 391 17.57 -38.57 11.79
N LEU A 392 18.72 -38.66 12.46
CA LEU A 392 19.05 -39.87 13.22
C LEU A 392 18.21 -40.00 14.49
N ALA A 393 17.94 -38.86 15.12
CA ALA A 393 17.09 -38.84 16.31
C ALA A 393 15.66 -39.27 15.95
N ARG A 394 15.18 -38.79 14.80
CA ARG A 394 13.84 -39.14 14.31
C ARG A 394 13.74 -40.60 13.88
N ALA A 395 14.81 -41.09 13.25
CA ALA A 395 14.92 -42.51 12.88
C ALA A 395 14.78 -43.41 14.10
N ALA A 396 15.42 -43.01 15.19
CA ALA A 396 15.37 -43.73 16.48
C ALA A 396 13.94 -43.81 17.03
N TRP A 397 13.21 -42.70 16.96
CA TRP A 397 11.82 -42.66 17.41
C TRP A 397 10.95 -43.57 16.54
N GLU A 398 11.17 -43.46 15.24
CA GLU A 398 10.39 -44.23 14.22
C GLU A 398 10.74 -45.72 14.24
N THR A 399 11.88 -46.04 14.82
CA THR A 399 12.27 -47.44 15.04
C THR A 399 11.32 -48.14 16.04
N ALA A 400 10.89 -47.40 17.06
CA ALA A 400 10.08 -47.95 18.15
C ALA A 400 8.60 -47.57 18.06
N ARG A 401 8.28 -46.58 17.23
CA ARG A 401 6.91 -46.07 17.11
C ARG A 401 6.52 -45.82 15.67
N HIS A 402 5.29 -46.18 15.34
CA HIS A 402 4.71 -45.80 14.06
C HIS A 402 4.25 -44.36 14.16
N THR A 403 4.67 -43.55 13.20
CA THR A 403 4.36 -42.12 13.17
C THR A 403 3.58 -41.76 11.90
N PRO A 404 2.85 -40.62 11.92
CA PRO A 404 2.10 -40.19 10.74
C PRO A 404 2.98 -39.87 9.54
N VAL A 405 4.12 -39.25 9.82
CA VAL A 405 5.11 -38.95 8.81
C VAL A 405 6.33 -39.82 9.09
N ASN A 406 6.81 -40.46 8.04
CA ASN A 406 7.97 -41.35 8.11
C ASN A 406 9.21 -40.57 7.66
N SER A 407 9.82 -39.82 8.58
CA SER A 407 10.95 -38.95 8.21
C SER A 407 12.11 -39.70 7.58
N TRP A 408 12.33 -40.94 8.03
CA TRP A 408 13.45 -41.76 7.51
C TRP A 408 13.33 -41.93 5.99
N LEU A 409 12.11 -42.13 5.53
CA LEU A 409 11.85 -42.36 4.12
C LEU A 409 12.07 -41.09 3.29
N GLY A 410 11.50 -39.99 3.77
CA GLY A 410 11.72 -38.68 3.16
C GLY A 410 13.21 -38.31 3.11
N ASN A 411 13.90 -38.60 4.21
CA ASN A 411 15.34 -38.32 4.28
C ASN A 411 16.14 -39.15 3.29
N ILE A 412 15.76 -40.41 3.11
CA ILE A 412 16.46 -41.30 2.17
C ILE A 412 16.26 -40.80 0.74
N ILE A 413 15.06 -40.32 0.46
CA ILE A 413 14.72 -39.81 -0.86
C ILE A 413 15.48 -38.52 -1.16
N MET A 414 15.41 -37.58 -0.23
CA MET A 414 15.96 -36.25 -0.44
C MET A 414 17.48 -36.19 -0.28
N TYR A 415 18.02 -37.00 0.63
CA TYR A 415 19.46 -37.02 0.94
C TYR A 415 20.13 -38.34 0.57
N ALA A 416 19.58 -38.98 -0.46
CA ALA A 416 20.09 -40.28 -0.98
C ALA A 416 21.59 -40.33 -1.28
N PRO A 417 22.18 -39.26 -1.83
CA PRO A 417 23.61 -39.31 -2.14
C PRO A 417 24.54 -39.22 -0.93
N THR A 418 23.99 -38.94 0.25
CA THR A 418 24.84 -38.71 1.44
C THR A 418 25.35 -40.00 2.07
N LEU A 419 26.51 -39.89 2.71
CA LEU A 419 27.13 -41.06 3.35
C LEU A 419 26.22 -41.62 4.48
N TRP A 420 25.61 -40.71 5.22
CA TRP A 420 24.75 -41.09 6.35
C TRP A 420 23.39 -41.70 5.93
N ALA A 421 22.78 -41.16 4.89
CA ALA A 421 21.51 -41.74 4.39
C ALA A 421 21.72 -43.14 3.84
N ARG A 422 22.82 -43.33 3.14
CA ARG A 422 23.12 -44.59 2.47
C ARG A 422 23.54 -45.69 3.43
N MET A 423 24.44 -45.33 4.34
CA MET A 423 25.07 -46.32 5.20
C MET A 423 24.22 -46.69 6.41
N ILE A 424 23.53 -45.70 6.96
CA ILE A 424 22.79 -45.89 8.21
C ILE A 424 21.27 -46.05 7.97
N LEU A 425 20.65 -45.03 7.38
CA LEU A 425 19.19 -45.04 7.21
C LEU A 425 18.69 -46.18 6.31
N MET A 426 19.33 -46.36 5.17
CA MET A 426 18.91 -47.41 4.21
C MET A 426 19.07 -48.80 4.80
N THR A 427 20.25 -49.02 5.37
CA THR A 427 20.63 -50.29 6.00
C THR A 427 19.69 -50.67 7.12
N HIS A 428 19.42 -49.70 8.00
CA HIS A 428 18.58 -49.92 9.18
C HIS A 428 17.13 -50.26 8.80
N PHE A 429 16.52 -49.39 8.02
CA PHE A 429 15.08 -49.51 7.75
C PHE A 429 14.75 -50.65 6.78
N PHE A 430 15.63 -50.93 5.82
CA PHE A 430 15.43 -52.08 4.94
C PHE A 430 15.54 -53.39 5.72
N SER A 431 16.42 -53.42 6.72
CA SER A 431 16.51 -54.56 7.64
C SER A 431 15.17 -54.78 8.37
N ILE A 432 14.64 -53.67 8.90
CA ILE A 432 13.36 -53.69 9.62
C ILE A 432 12.23 -54.16 8.70
N LEU A 433 12.21 -53.61 7.50
CA LEU A 433 11.16 -53.90 6.51
C LEU A 433 11.22 -55.36 6.05
N LEU A 434 12.44 -55.86 5.88
CA LEU A 434 12.67 -57.26 5.53
C LEU A 434 12.09 -58.21 6.57
N ALA A 435 12.42 -57.93 7.83
CA ALA A 435 12.01 -58.78 8.94
C ALA A 435 10.49 -58.87 9.09
N GLN A 436 9.79 -57.78 8.77
CA GLN A 436 8.32 -57.75 8.85
C GLN A 436 7.64 -58.05 7.51
N GLU A 437 8.44 -58.30 6.49
CA GLU A 437 7.95 -58.52 5.11
C GLU A 437 7.04 -57.37 4.66
N GLN A 438 7.46 -56.15 4.95
CA GLN A 438 6.67 -54.93 4.68
C GLN A 438 7.27 -54.06 3.57
N LEU A 439 8.07 -54.68 2.71
CA LEU A 439 8.75 -53.95 1.61
C LEU A 439 7.75 -53.32 0.65
N GLU A 440 6.65 -54.02 0.38
CA GLU A 440 5.61 -53.56 -0.56
C GLU A 440 4.59 -52.62 0.07
N LYS A 441 4.67 -52.43 1.38
CA LYS A 441 3.69 -51.59 2.09
C LYS A 441 3.98 -50.10 1.89
N ALA A 442 3.01 -49.40 1.31
CA ALA A 442 3.10 -47.96 1.08
C ALA A 442 3.17 -47.20 2.39
N LEU A 443 4.06 -46.22 2.44
CA LEU A 443 4.23 -45.39 3.64
C LEU A 443 4.07 -43.89 3.36
N ASP A 444 3.44 -43.20 4.28
CA ASP A 444 3.28 -41.75 4.17
C ASP A 444 4.58 -41.03 4.48
N CYS A 445 4.93 -40.09 3.60
CA CYS A 445 6.03 -39.17 3.86
C CYS A 445 5.81 -37.81 3.23
N GLN A 446 6.69 -36.89 3.60
CA GLN A 446 6.56 -35.49 3.18
C GLN A 446 7.68 -35.04 2.26
N ILE A 447 7.29 -34.42 1.16
CA ILE A 447 8.22 -33.81 0.19
C ILE A 447 7.85 -32.35 -0.07
N TYR A 448 8.67 -31.46 0.49
CA TYR A 448 8.46 -30.01 0.46
C TYR A 448 7.10 -29.63 1.04
N GLY A 449 6.76 -30.28 2.15
CA GLY A 449 5.53 -30.01 2.91
C GLY A 449 4.31 -30.78 2.43
N ALA A 450 4.38 -31.34 1.23
CA ALA A 450 3.29 -32.13 0.66
C ALA A 450 3.43 -33.61 1.02
N CYS A 451 2.30 -34.23 1.36
CA CYS A 451 2.30 -35.66 1.75
C CYS A 451 2.13 -36.58 0.55
N TYR A 452 3.04 -37.55 0.46
CA TYR A 452 2.98 -38.60 -0.54
C TYR A 452 2.94 -39.97 0.11
N SER A 453 2.29 -40.90 -0.57
CA SER A 453 2.31 -42.31 -0.19
C SER A 453 3.26 -43.04 -1.12
N ILE A 454 4.29 -43.64 -0.54
CA ILE A 454 5.39 -44.22 -1.31
C ILE A 454 5.76 -45.63 -0.85
N GLU A 455 5.99 -46.50 -1.83
CA GLU A 455 6.44 -47.87 -1.58
C GLU A 455 7.96 -47.91 -1.54
N PRO A 456 8.54 -48.39 -0.44
CA PRO A 456 9.99 -48.51 -0.30
C PRO A 456 10.66 -49.23 -1.46
N LEU A 457 9.94 -50.18 -2.05
CA LEU A 457 10.47 -50.96 -3.19
C LEU A 457 10.73 -50.09 -4.43
N ASP A 458 10.09 -48.92 -4.47
CA ASP A 458 10.30 -47.97 -5.58
C ASP A 458 11.46 -46.98 -5.35
N LEU A 459 12.16 -47.12 -4.24
CA LEU A 459 13.26 -46.19 -3.91
C LEU A 459 14.36 -46.05 -4.98
N PRO A 460 14.83 -47.18 -5.55
CA PRO A 460 15.89 -47.10 -6.56
C PRO A 460 15.48 -46.25 -7.77
N GLN A 461 14.27 -46.49 -8.25
CA GLN A 461 13.71 -45.74 -9.38
C GLN A 461 13.57 -44.26 -9.04
N ILE A 462 13.05 -44.00 -7.84
CA ILE A 462 12.85 -42.63 -7.36
C ILE A 462 14.19 -41.92 -7.20
N ILE A 463 15.17 -42.63 -6.69
CA ILE A 463 16.51 -42.07 -6.45
C ILE A 463 17.21 -41.75 -7.78
N GLU A 464 17.16 -42.69 -8.72
CA GLU A 464 17.76 -42.51 -10.06
C GLU A 464 17.22 -41.26 -10.74
N ARG A 465 15.90 -41.10 -10.69
CA ARG A 465 15.22 -39.99 -11.35
C ARG A 465 15.54 -38.65 -10.72
N LEU A 466 15.68 -38.65 -9.40
CA LEU A 466 15.91 -37.42 -8.64
C LEU A 466 17.36 -36.99 -8.69
N HIS A 467 18.25 -37.94 -8.44
CA HIS A 467 19.68 -37.66 -8.17
C HIS A 467 20.64 -38.17 -9.25
N GLY A 468 20.13 -39.06 -10.09
CA GLY A 468 20.97 -39.73 -11.10
C GLY A 468 21.55 -41.04 -10.59
N LEU A 469 22.15 -41.78 -11.52
CA LEU A 469 22.74 -43.09 -11.21
C LEU A 469 23.97 -42.94 -10.31
N SER A 470 24.59 -41.77 -10.33
CA SER A 470 25.79 -41.49 -9.51
C SER A 470 25.53 -41.60 -8.01
N ALA A 471 24.27 -41.40 -7.62
CA ALA A 471 23.85 -41.54 -6.21
C ALA A 471 24.17 -42.91 -5.63
N PHE A 472 24.24 -43.92 -6.50
CA PHE A 472 24.51 -45.31 -6.11
C PHE A 472 25.98 -45.69 -6.12
N SER A 473 26.83 -44.78 -6.58
CA SER A 473 28.28 -45.07 -6.68
C SER A 473 29.20 -43.97 -6.14
N LEU A 474 28.64 -42.99 -5.43
CA LEU A 474 29.46 -41.93 -4.84
C LEU A 474 30.42 -42.52 -3.81
N HIS A 475 31.64 -41.99 -3.84
CA HIS A 475 32.70 -42.37 -2.90
C HIS A 475 33.68 -41.20 -2.71
N SER A 476 34.70 -41.42 -1.88
CA SER A 476 35.68 -40.38 -1.55
C SER A 476 34.95 -39.12 -1.11
N TYR A 477 34.21 -39.25 -0.02
CA TYR A 477 33.54 -38.12 0.60
C TYR A 477 34.60 -37.22 1.25
N SER A 478 34.23 -35.97 1.52
CA SER A 478 35.17 -35.00 2.06
C SER A 478 35.48 -35.32 3.54
N PRO A 479 36.72 -35.01 3.98
CA PRO A 479 37.08 -35.20 5.38
C PRO A 479 36.15 -34.48 6.35
N GLY A 480 35.70 -33.31 5.95
CA GLY A 480 34.79 -32.49 6.76
C GLY A 480 33.44 -33.17 6.95
N GLU A 481 32.90 -33.73 5.88
CA GLU A 481 31.58 -34.40 5.93
C GLU A 481 31.69 -35.70 6.70
N ILE A 482 32.73 -36.48 6.40
CA ILE A 482 33.01 -37.74 7.09
C ILE A 482 33.15 -37.51 8.59
N ASN A 483 33.89 -36.48 8.95
CA ASN A 483 34.13 -36.16 10.37
C ASN A 483 32.89 -35.68 11.11
N ARG A 484 32.07 -34.89 10.43
CA ARG A 484 30.80 -34.43 11.03
C ARG A 484 29.90 -35.63 11.35
N VAL A 485 29.80 -36.54 10.38
CA VAL A 485 28.99 -37.74 10.54
C VAL A 485 29.51 -38.60 11.70
N ALA A 486 30.79 -38.93 11.64
CA ALA A 486 31.45 -39.74 12.67
C ALA A 486 31.25 -39.16 14.08
N SER A 487 31.38 -37.85 14.18
CA SER A 487 31.20 -37.14 15.45
C SER A 487 29.76 -37.25 15.95
N CYS A 488 28.82 -37.03 15.04
CA CYS A 488 27.40 -37.17 15.36
C CYS A 488 27.10 -38.56 15.88
N LEU A 489 27.67 -39.57 15.23
CA LEU A 489 27.47 -40.98 15.64
C LEU A 489 27.93 -41.21 17.08
N ARG A 490 29.12 -40.70 17.40
CA ARG A 490 29.66 -40.82 18.77
C ARG A 490 28.77 -40.10 19.77
N LYS A 491 28.33 -38.91 19.39
CA LYS A 491 27.45 -38.08 20.22
C LYS A 491 26.15 -38.80 20.61
N LEU A 492 25.56 -39.50 19.64
CA LEU A 492 24.25 -40.15 19.86
C LEU A 492 24.37 -41.60 20.33
N GLY A 493 25.58 -42.12 20.34
CA GLY A 493 25.81 -43.53 20.66
C GLY A 493 25.33 -44.46 19.55
N VAL A 494 25.43 -43.97 18.32
CA VAL A 494 25.19 -44.79 17.12
C VAL A 494 26.46 -45.55 16.75
N PRO A 495 26.35 -46.85 16.41
CA PRO A 495 27.52 -47.62 15.97
C PRO A 495 28.30 -46.93 14.84
N PRO A 496 29.63 -47.14 14.80
CA PRO A 496 30.45 -46.54 13.76
C PRO A 496 30.16 -47.10 12.36
N LEU A 497 30.56 -46.35 11.35
CA LEU A 497 30.23 -46.64 9.96
C LEU A 497 30.68 -48.03 9.50
N ARG A 498 31.78 -48.51 10.09
CA ARG A 498 32.31 -49.85 9.78
C ARG A 498 31.29 -50.94 10.08
N VAL A 499 30.55 -50.75 11.18
CA VAL A 499 29.53 -51.72 11.58
C VAL A 499 28.38 -51.72 10.57
N TRP A 500 28.04 -50.52 10.10
CA TRP A 500 26.94 -50.36 9.16
C TRP A 500 27.27 -51.00 7.82
N ARG A 501 28.54 -50.90 7.43
CA ARG A 501 29.05 -51.57 6.22
C ARG A 501 28.86 -53.07 6.33
N HIS A 502 29.20 -53.63 7.48
CA HIS A 502 29.01 -55.07 7.73
C HIS A 502 27.53 -55.45 7.67
N ARG A 503 26.70 -54.65 8.31
CA ARG A 503 25.26 -54.89 8.34
C ARG A 503 24.62 -54.79 6.95
N ALA A 504 25.10 -53.83 6.16
CA ALA A 504 24.59 -53.59 4.79
C ALA A 504 24.83 -54.79 3.88
N ARG A 505 25.97 -55.44 4.06
CA ARG A 505 26.32 -56.64 3.27
C ARG A 505 25.25 -57.72 3.47
N SER A 506 24.83 -57.89 4.71
CA SER A 506 23.77 -58.84 5.08
C SER A 506 22.43 -58.43 4.49
N VAL A 507 22.10 -57.16 4.67
CA VAL A 507 20.83 -56.63 4.19
C VAL A 507 20.74 -56.76 2.67
N ARG A 508 21.84 -56.42 2.00
CA ARG A 508 21.98 -56.60 0.55
C ARG A 508 21.69 -58.04 0.13
N ALA A 509 22.40 -58.97 0.77
CA ALA A 509 22.27 -60.41 0.46
C ALA A 509 20.83 -60.90 0.62
N ARG A 510 20.20 -60.46 1.71
CA ARG A 510 18.80 -60.82 2.00
C ARG A 510 17.87 -60.28 0.91
N LEU A 511 18.14 -59.04 0.49
CA LEU A 511 17.34 -58.38 -0.55
C LEU A 511 17.48 -59.09 -1.90
N LEU A 512 18.70 -59.46 -2.25
CA LEU A 512 18.97 -60.19 -3.49
C LEU A 512 18.26 -61.54 -3.52
N SER A 513 18.18 -62.18 -2.36
CA SER A 513 17.54 -63.50 -2.22
C SER A 513 16.05 -63.48 -2.51
N GLN A 514 15.42 -62.33 -2.27
CA GLN A 514 13.97 -62.15 -2.50
C GLN A 514 13.65 -62.07 -3.98
N GLY A 515 14.65 -61.70 -4.78
CA GLY A 515 14.47 -61.48 -6.22
C GLY A 515 13.67 -60.23 -6.52
N GLY A 516 13.34 -60.03 -7.79
CA GLY A 516 12.45 -58.96 -8.23
C GLY A 516 12.83 -57.56 -7.81
N ARG A 517 11.82 -56.77 -7.43
CA ARG A 517 12.03 -55.37 -7.04
C ARG A 517 12.91 -55.26 -5.80
N ALA A 518 12.76 -56.24 -4.90
CA ALA A 518 13.57 -56.33 -3.70
C ALA A 518 15.05 -56.50 -4.07
N ALA A 519 15.29 -57.35 -5.07
CA ALA A 519 16.64 -57.63 -5.55
C ALA A 519 17.28 -56.38 -6.13
N THR A 520 16.48 -55.59 -6.84
CA THR A 520 16.92 -54.31 -7.43
C THR A 520 17.32 -53.33 -6.33
N CYS A 521 16.53 -53.31 -5.25
CA CYS A 521 16.89 -52.52 -4.06
C CYS A 521 18.26 -52.95 -3.55
N GLY A 522 18.44 -54.26 -3.44
CA GLY A 522 19.70 -54.84 -3.03
C GLY A 522 20.84 -54.36 -3.91
N LYS A 523 20.64 -54.50 -5.22
CA LYS A 523 21.66 -54.19 -6.24
C LYS A 523 22.14 -52.73 -6.18
N TYR A 524 21.19 -51.80 -6.21
CA TYR A 524 21.49 -50.38 -6.42
C TYR A 524 21.77 -49.63 -5.11
N LEU A 525 20.91 -49.83 -4.12
CA LEU A 525 21.00 -49.11 -2.85
C LEU A 525 22.25 -49.47 -2.06
N PHE A 526 22.72 -50.71 -2.24
CA PHE A 526 23.79 -51.26 -1.41
C PHE A 526 25.05 -51.70 -2.16
N ASN A 527 25.23 -51.17 -3.37
CA ASN A 527 26.40 -51.49 -4.19
C ASN A 527 27.68 -51.01 -3.51
N TRP A 528 27.55 -49.89 -2.78
CA TRP A 528 28.64 -49.32 -1.98
C TRP A 528 29.21 -50.30 -0.95
N ALA A 529 28.40 -51.26 -0.54
CA ALA A 529 28.76 -52.19 0.53
C ALA A 529 29.65 -53.36 0.09
N VAL A 530 29.75 -53.59 -1.22
CA VAL A 530 30.58 -54.68 -1.73
C VAL A 530 31.93 -54.21 -2.27
N LYS A 531 32.86 -55.16 -2.35
CA LYS A 531 34.22 -54.89 -2.79
C LYS A 531 34.28 -54.84 -4.31
N THR A 532 33.76 -55.88 -4.94
CA THR A 532 33.67 -55.98 -6.39
C THR A 532 32.32 -55.47 -6.86
N LYS A 533 32.27 -54.17 -7.16
CA LYS A 533 31.00 -53.51 -7.51
C LYS A 533 30.36 -54.02 -8.81
N LEU A 534 29.04 -54.17 -8.77
CA LEU A 534 28.27 -54.55 -9.95
C LEU A 534 28.12 -53.38 -10.93
N LYS A 535 27.89 -53.72 -12.19
CA LYS A 535 27.65 -52.74 -13.24
C LYS A 535 26.24 -52.15 -13.11
N LEU A 536 26.17 -50.91 -12.67
CA LEU A 536 24.88 -50.22 -12.48
C LEU A 536 24.47 -49.46 -13.74
N THR A 537 23.34 -49.88 -14.29
CA THR A 537 22.77 -49.30 -15.51
C THR A 537 21.33 -48.85 -15.24
N PRO A 538 20.75 -48.06 -16.14
CA PRO A 538 19.43 -47.50 -15.84
C PRO A 538 18.34 -48.55 -15.64
N ILE A 539 17.42 -48.25 -14.73
CA ILE A 539 16.33 -49.15 -14.36
C ILE A 539 15.13 -48.90 -15.26
N ASP A 546 4.41 -38.92 -13.73
CA ASP A 546 4.78 -39.72 -12.57
C ASP A 546 5.30 -38.84 -11.44
N LEU A 547 6.38 -38.12 -11.71
CA LEU A 547 7.06 -37.29 -10.71
C LEU A 547 7.00 -35.80 -11.02
N SER A 548 6.07 -35.44 -11.91
CA SER A 548 5.93 -34.06 -12.38
C SER A 548 5.58 -33.08 -11.27
N GLY A 549 4.70 -33.51 -10.37
CA GLY A 549 4.18 -32.66 -9.30
C GLY A 549 5.11 -32.47 -8.13
N TRP A 550 6.21 -33.20 -8.11
CA TRP A 550 7.07 -33.29 -6.93
C TRP A 550 7.77 -31.97 -6.55
N PHE A 551 8.31 -31.29 -7.56
CA PHE A 551 9.13 -30.10 -7.31
C PHE A 551 8.60 -28.93 -8.11
N VAL A 552 7.35 -28.60 -7.83
CA VAL A 552 6.69 -27.46 -8.44
C VAL A 552 6.53 -26.34 -7.44
N ALA A 553 6.07 -26.68 -6.24
CA ALA A 553 5.81 -25.69 -5.20
C ALA A 553 5.92 -26.24 -3.78
N GLY A 554 6.06 -25.32 -2.84
CA GLY A 554 6.06 -25.66 -1.42
C GLY A 554 4.66 -25.61 -0.83
N TYR A 555 4.33 -26.62 -0.04
CA TYR A 555 2.99 -26.73 0.58
C TYR A 555 3.00 -26.96 2.08
N SER A 556 4.11 -26.59 2.74
CA SER A 556 4.23 -26.85 4.18
C SER A 556 3.10 -26.21 4.98
N GLY A 557 2.44 -27.04 5.78
CA GLY A 557 1.28 -26.65 6.55
C GLY A 557 0.00 -26.52 5.73
N GLY A 558 0.11 -26.86 4.44
CA GLY A 558 -0.96 -26.61 3.47
C GLY A 558 -1.97 -27.72 3.29
N ASP A 559 -1.81 -28.81 4.04
CA ASP A 559 -2.78 -29.91 4.03
C ASP A 559 -2.95 -30.47 2.61
N ILE A 560 -1.83 -30.72 1.95
CA ILE A 560 -1.82 -31.25 0.57
C ILE A 560 -1.31 -32.69 0.49
N TYR A 561 -2.01 -33.50 -0.31
CA TYR A 561 -1.70 -34.92 -0.50
C TYR A 561 -1.66 -35.31 -1.97
N HIS A 562 -0.78 -36.26 -2.29
CA HIS A 562 -0.68 -36.83 -3.65
C HIS A 562 -0.37 -38.32 -3.68
N ALA A 563 -0.76 -38.96 -4.78
CA ALA A 563 -0.50 -40.39 -4.97
C ALA A 563 0.92 -40.61 -5.51
N SER B 1 12.24 9.16 -7.50
CA SER B 1 11.27 9.51 -8.57
C SER B 1 11.22 11.02 -8.77
N MET B 2 11.58 11.46 -9.98
CA MET B 2 11.56 12.89 -10.33
C MET B 2 10.14 13.32 -10.67
N SER B 3 9.72 14.43 -10.06
CA SER B 3 8.38 14.99 -10.26
C SER B 3 8.08 15.23 -11.74
N TYR B 4 9.07 15.77 -12.44
CA TYR B 4 8.99 16.00 -13.89
C TYR B 4 10.31 15.67 -14.58
N THR B 5 10.20 15.24 -15.83
CA THR B 5 11.33 15.19 -16.77
C THR B 5 11.02 16.11 -17.95
N TRP B 6 12.01 16.89 -18.38
CA TRP B 6 11.81 17.88 -19.45
C TRP B 6 12.64 17.60 -20.69
N THR B 7 12.10 17.99 -21.85
CA THR B 7 12.82 17.87 -23.14
C THR B 7 13.57 19.15 -23.54
N GLY B 8 13.16 20.27 -22.96
CA GLY B 8 13.69 21.58 -23.33
C GLY B 8 12.76 22.38 -24.23
N ALA B 9 11.73 21.73 -24.77
CA ALA B 9 10.66 22.44 -25.48
C ALA B 9 10.03 23.43 -24.52
N LEU B 10 9.74 24.62 -25.04
CA LEU B 10 9.17 25.70 -24.24
C LEU B 10 7.69 25.46 -23.94
N ILE B 11 7.27 25.93 -22.77
CA ILE B 11 5.86 26.04 -22.43
C ILE B 11 5.38 27.33 -23.07
N THR B 12 4.50 27.18 -24.05
CA THR B 12 4.12 28.26 -24.96
C THR B 12 2.72 28.78 -24.66
N PRO B 13 2.46 30.06 -24.95
CA PRO B 13 1.13 30.61 -24.77
C PRO B 13 0.23 30.24 -25.94
N CYS B 14 -1.08 30.31 -25.69
CA CYS B 14 -2.09 30.01 -26.73
C CYS B 14 -2.72 31.30 -27.26
N ALA B 15 -2.26 32.43 -26.74
CA ALA B 15 -2.80 33.74 -27.09
C ALA B 15 -1.90 34.88 -26.61
N ALA B 16 -2.31 36.11 -26.90
CA ALA B 16 -1.57 37.30 -26.46
C ALA B 16 -1.50 37.35 -24.95
N GLU B 17 -0.30 37.61 -24.43
CA GLU B 17 -0.09 37.73 -22.97
C GLU B 17 0.35 39.13 -22.57
N GLU B 18 -0.25 39.63 -21.49
CA GLU B 18 0.10 40.93 -20.90
C GLU B 18 0.64 40.77 -19.50
N SER B 19 1.77 41.41 -19.24
CA SER B 19 2.40 41.39 -17.91
C SER B 19 2.19 42.70 -17.13
N LYS B 20 2.15 43.79 -17.89
CA LYS B 20 2.01 45.14 -17.32
C LYS B 20 0.53 45.51 -17.13
N LEU B 21 0.26 46.24 -16.05
CA LEU B 21 -1.11 46.68 -15.71
C LEU B 21 -1.73 47.54 -16.80
N PRO B 22 -2.82 47.06 -17.43
CA PRO B 22 -3.49 47.93 -18.38
C PRO B 22 -4.11 49.11 -17.67
N ILE B 23 -4.04 50.26 -18.32
CA ILE B 23 -4.55 51.50 -17.76
C ILE B 23 -5.64 52.07 -18.66
N ASN B 24 -6.75 52.44 -18.03
CA ASN B 24 -7.81 53.19 -18.71
C ASN B 24 -8.20 54.43 -17.90
N ALA B 25 -9.36 55.00 -18.22
CA ALA B 25 -9.81 56.26 -17.60
C ALA B 25 -10.28 56.08 -16.16
N LEU B 26 -10.52 54.84 -15.75
CA LEU B 26 -10.98 54.52 -14.39
C LEU B 26 -9.84 54.14 -13.44
N SER B 27 -8.70 53.81 -14.03
CA SER B 27 -7.60 53.16 -13.28
C SER B 27 -7.13 53.98 -12.09
N ASN B 28 -6.88 55.26 -12.33
CA ASN B 28 -6.31 56.14 -11.29
C ASN B 28 -7.23 56.35 -10.08
N SER B 29 -8.53 56.23 -10.30
CA SER B 29 -9.51 56.37 -9.22
C SER B 29 -9.37 55.26 -8.17
N LEU B 30 -8.94 54.08 -8.61
CA LEU B 30 -8.73 52.94 -7.71
C LEU B 30 -7.31 52.82 -7.19
N LEU B 31 -6.35 52.93 -8.11
CA LEU B 31 -4.94 52.59 -7.82
C LEU B 31 -3.98 53.44 -8.65
N ARG B 32 -3.00 54.04 -7.98
CA ARG B 32 -2.05 54.96 -8.62
C ARG B 32 -0.67 54.35 -8.88
N HIS B 33 -0.22 53.49 -7.99
CA HIS B 33 1.11 52.87 -8.13
C HIS B 33 1.06 51.66 -9.07
N HIS B 34 0.98 51.98 -10.36
CA HIS B 34 0.70 50.99 -11.41
C HIS B 34 1.80 49.96 -11.58
N ASN B 35 3.05 50.38 -11.36
CA ASN B 35 4.21 49.52 -11.57
C ASN B 35 4.36 48.40 -10.53
N MET B 36 3.53 48.44 -9.50
CA MET B 36 3.53 47.40 -8.46
C MET B 36 2.64 46.21 -8.81
N VAL B 37 1.71 46.42 -9.73
CA VAL B 37 0.81 45.36 -10.21
C VAL B 37 1.37 44.72 -11.48
N TYR B 38 1.35 43.39 -11.49
CA TYR B 38 1.81 42.62 -12.64
C TYR B 38 1.03 41.32 -12.81
N ALA B 39 1.06 40.80 -14.03
CA ALA B 39 0.49 39.49 -14.32
C ALA B 39 1.61 38.54 -14.70
N THR B 40 1.50 37.30 -14.25
CA THR B 40 2.39 36.24 -14.69
C THR B 40 2.10 35.82 -16.14
N THR B 41 3.15 35.41 -16.84
CA THR B 41 3.05 34.94 -18.22
C THR B 41 3.94 33.72 -18.45
N SER B 42 3.77 33.12 -19.63
CA SER B 42 4.58 31.98 -20.07
C SER B 42 6.09 32.27 -20.06
N ARG B 43 6.44 33.55 -20.18
CA ARG B 43 7.85 33.97 -20.15
C ARG B 43 8.61 33.50 -18.91
N SER B 44 7.88 33.33 -17.82
CA SER B 44 8.48 32.90 -16.54
C SER B 44 8.30 31.39 -16.29
N ALA B 45 7.76 30.68 -17.27
CA ALA B 45 7.47 29.24 -17.13
C ALA B 45 8.73 28.45 -16.79
N GLY B 46 9.82 28.78 -17.49
CA GLY B 46 11.11 28.14 -17.26
C GLY B 46 11.53 28.18 -15.81
N GLN B 47 11.29 29.31 -15.16
CA GLN B 47 11.65 29.52 -13.75
C GLN B 47 10.84 28.60 -12.84
N ARG B 48 9.53 28.53 -13.12
CA ARG B 48 8.64 27.64 -12.37
C ARG B 48 9.06 26.19 -12.54
N GLN B 49 9.42 25.84 -13.77
CA GLN B 49 9.83 24.46 -14.11
C GLN B 49 10.95 23.99 -13.19
N LYS B 50 11.92 24.86 -12.96
CA LYS B 50 13.05 24.55 -12.08
C LYS B 50 12.56 24.26 -10.66
N LYS B 51 11.67 25.11 -10.16
CA LYS B 51 11.13 25.00 -8.80
C LYS B 51 10.36 23.69 -8.55
N VAL B 52 9.57 23.29 -9.53
CA VAL B 52 8.64 22.15 -9.38
C VAL B 52 9.30 20.81 -9.66
N THR B 53 10.58 20.87 -10.06
CA THR B 53 11.31 19.67 -10.49
C THR B 53 12.28 19.18 -9.43
N PHE B 54 11.91 18.09 -8.78
CA PHE B 54 12.78 17.46 -7.79
C PHE B 54 12.47 16.00 -7.55
N ASP B 55 13.42 15.35 -6.87
CA ASP B 55 13.31 13.96 -6.50
C ASP B 55 12.42 13.84 -5.27
N ARG B 56 11.52 12.86 -5.29
CA ARG B 56 10.68 12.56 -4.13
C ARG B 56 11.06 11.23 -3.53
N LEU B 57 11.29 11.25 -2.23
CA LEU B 57 11.53 10.06 -1.43
C LEU B 57 10.42 9.92 -0.43
N GLN B 58 10.02 8.70 -0.16
CA GLN B 58 8.92 8.44 0.74
C GLN B 58 9.21 7.28 1.67
N VAL B 59 8.92 7.52 2.94
CA VAL B 59 9.10 6.55 4.01
C VAL B 59 7.78 6.47 4.78
N LEU B 60 7.14 5.30 4.69
CA LEU B 60 5.80 5.11 5.23
C LEU B 60 5.76 4.18 6.42
N ASP B 61 5.30 4.75 7.53
CA ASP B 61 5.29 4.06 8.84
C ASP B 61 3.89 3.58 9.22
N ASP B 62 3.78 3.07 10.43
CA ASP B 62 2.53 2.45 10.89
C ASP B 62 1.43 3.49 11.10
N HIS B 63 1.82 4.65 11.61
CA HIS B 63 0.87 5.78 11.77
C HIS B 63 0.15 6.11 10.47
N TYR B 64 0.92 6.12 9.38
CA TYR B 64 0.40 6.38 8.03
C TYR B 64 -0.64 5.33 7.64
N ARG B 65 -0.28 4.07 7.79
CA ARG B 65 -1.17 2.94 7.44
C ARG B 65 -2.39 2.86 8.35
N ASP B 66 -2.20 3.19 9.63
CA ASP B 66 -3.31 3.23 10.60
C ASP B 66 -4.39 4.22 10.17
N VAL B 67 -3.95 5.44 9.85
CA VAL B 67 -4.86 6.50 9.41
C VAL B 67 -5.56 6.13 8.10
N LEU B 68 -4.82 5.55 7.18
CA LEU B 68 -5.36 5.15 5.87
C LEU B 68 -6.48 4.13 6.02
N LYS B 69 -6.23 3.13 6.86
CA LYS B 69 -7.25 2.10 7.18
C LYS B 69 -8.54 2.75 7.69
N GLU B 70 -8.39 3.73 8.56
CA GLU B 70 -9.54 4.46 9.13
C GLU B 70 -10.30 5.20 8.03
N MET B 71 -9.54 5.86 7.16
CA MET B 71 -10.11 6.61 6.04
C MET B 71 -10.89 5.70 5.08
N LYS B 72 -10.31 4.54 4.78
CA LYS B 72 -10.94 3.55 3.88
C LYS B 72 -12.25 3.00 4.46
N ALA B 73 -12.26 2.81 5.78
CA ALA B 73 -13.45 2.30 6.50
C ALA B 73 -14.62 3.28 6.38
N LYS B 74 -14.31 4.57 6.43
CA LYS B 74 -15.32 5.61 6.24
C LYS B 74 -15.76 5.67 4.77
N ALA B 75 -14.78 5.54 3.88
CA ALA B 75 -15.02 5.59 2.43
C ALA B 75 -15.92 4.44 1.96
N SER B 76 -15.86 3.32 2.68
CA SER B 76 -16.69 2.15 2.37
C SER B 76 -18.17 2.38 2.63
N THR B 77 -18.52 3.45 3.33
CA THR B 77 -19.95 3.78 3.56
C THR B 77 -20.52 4.63 2.44
N VAL B 78 -19.67 5.06 1.52
CA VAL B 78 -20.09 5.97 0.45
C VAL B 78 -20.66 5.20 -0.74
N LYS B 79 -21.85 5.62 -1.16
CA LYS B 79 -22.44 5.16 -2.42
C LYS B 79 -22.41 6.30 -3.41
N ALA B 80 -21.75 6.05 -4.53
CA ALA B 80 -21.62 7.06 -5.56
C ALA B 80 -22.25 6.59 -6.86
N LYS B 81 -22.85 7.53 -7.58
CA LYS B 81 -23.52 7.22 -8.84
C LYS B 81 -22.72 7.69 -10.04
N LEU B 82 -22.87 6.94 -11.12
CA LEU B 82 -22.34 7.29 -12.43
C LEU B 82 -23.21 8.41 -13.00
N LEU B 83 -22.57 9.46 -13.51
CA LEU B 83 -23.30 10.50 -14.25
C LEU B 83 -23.46 10.08 -15.70
N SER B 84 -24.61 10.43 -16.27
CA SER B 84 -24.83 10.26 -17.70
C SER B 84 -24.00 11.29 -18.47
N VAL B 85 -23.79 11.00 -19.76
CA VAL B 85 -23.09 11.91 -20.66
C VAL B 85 -23.68 13.32 -20.58
N GLU B 86 -25.00 13.39 -20.61
CA GLU B 86 -25.74 14.66 -20.62
C GLU B 86 -25.53 15.46 -19.34
N GLU B 87 -25.60 14.78 -18.21
CA GLU B 87 -25.40 15.41 -16.90
C GLU B 87 -24.00 16.00 -16.80
N ALA B 88 -23.01 15.23 -17.23
CA ALA B 88 -21.60 15.63 -17.17
C ALA B 88 -21.37 16.81 -18.12
N CYS B 89 -22.04 16.76 -19.28
CA CYS B 89 -21.98 17.85 -20.27
C CYS B 89 -22.42 19.17 -19.67
N LYS B 90 -23.52 19.14 -18.92
CA LYS B 90 -24.10 20.36 -18.32
C LYS B 90 -23.23 20.97 -17.21
N LEU B 91 -22.31 20.17 -16.69
CA LEU B 91 -21.35 20.65 -15.68
C LEU B 91 -20.12 21.34 -16.30
N THR B 92 -20.05 21.32 -17.62
CA THR B 92 -18.93 21.91 -18.35
C THR B 92 -19.07 23.44 -18.48
N PRO B 93 -18.01 24.20 -18.11
CA PRO B 93 -18.10 25.66 -18.27
C PRO B 93 -18.14 26.11 -19.74
N PRO B 94 -18.95 27.15 -20.04
CA PRO B 94 -19.12 27.72 -21.38
C PRO B 94 -17.83 28.02 -22.12
N HIS B 95 -16.84 28.48 -21.38
CA HIS B 95 -15.57 28.91 -21.99
C HIS B 95 -14.40 27.96 -21.69
N SER B 96 -14.73 26.74 -21.28
CA SER B 96 -13.73 25.70 -21.05
C SER B 96 -13.02 25.39 -22.36
N ALA B 97 -11.72 25.08 -22.26
CA ALA B 97 -10.88 24.82 -23.43
C ALA B 97 -11.48 23.79 -24.39
N LYS B 98 -11.47 24.12 -25.68
CA LYS B 98 -12.07 23.27 -26.70
C LYS B 98 -11.29 21.96 -26.90
N SER B 99 -11.98 20.97 -27.45
CA SER B 99 -11.35 19.67 -27.75
C SER B 99 -10.43 19.80 -28.97
N LYS B 100 -9.42 18.94 -29.01
CA LYS B 100 -8.56 18.82 -30.19
C LYS B 100 -9.28 18.14 -31.35
N TYR B 101 -10.43 17.52 -31.05
CA TYR B 101 -11.13 16.65 -32.03
C TYR B 101 -12.39 17.28 -32.64
N GLY B 102 -12.36 18.60 -32.81
CA GLY B 102 -13.31 19.30 -33.68
C GLY B 102 -14.61 19.73 -33.04
N TYR B 103 -14.55 20.02 -31.75
CA TYR B 103 -15.69 20.57 -31.00
C TYR B 103 -15.21 21.28 -29.74
N GLY B 104 -16.05 22.20 -29.25
CA GLY B 104 -15.73 23.00 -28.07
C GLY B 104 -16.75 22.87 -26.95
N ALA B 105 -16.60 23.73 -25.95
CA ALA B 105 -17.43 23.70 -24.73
C ALA B 105 -18.93 23.89 -25.01
N LYS B 106 -19.24 24.81 -25.92
CA LYS B 106 -20.65 25.15 -26.21
C LYS B 106 -21.36 24.00 -26.93
N ASP B 107 -20.59 23.24 -27.70
CA ASP B 107 -21.06 22.03 -28.37
C ASP B 107 -21.41 20.96 -27.34
N VAL B 108 -20.52 20.81 -26.36
CA VAL B 108 -20.70 19.87 -25.25
C VAL B 108 -21.98 20.21 -24.50
N ARG B 109 -22.12 21.49 -24.19
CA ARG B 109 -23.25 21.97 -23.37
C ARG B 109 -24.60 21.83 -24.08
N ASN B 110 -24.57 21.97 -25.40
CA ASN B 110 -25.77 21.82 -26.25
C ASN B 110 -26.06 20.37 -26.63
N LEU B 111 -25.22 19.46 -26.14
CA LEU B 111 -25.35 18.02 -26.41
C LEU B 111 -25.27 17.72 -27.91
N SER B 112 -24.44 18.47 -28.62
CA SER B 112 -24.25 18.25 -30.06
C SER B 112 -23.73 16.83 -30.29
N SER B 113 -24.27 16.22 -31.33
CA SER B 113 -24.01 14.81 -31.63
C SER B 113 -22.53 14.54 -31.89
N ARG B 114 -21.83 15.53 -32.42
CA ARG B 114 -20.40 15.41 -32.69
C ARG B 114 -19.64 15.22 -31.37
N ALA B 115 -19.98 16.06 -30.39
CA ALA B 115 -19.34 16.05 -29.08
C ALA B 115 -19.69 14.77 -28.30
N VAL B 116 -20.98 14.48 -28.25
CA VAL B 116 -21.52 13.30 -27.56
C VAL B 116 -20.93 12.01 -28.09
N ASN B 117 -20.80 11.93 -29.42
CA ASN B 117 -20.21 10.76 -30.09
C ASN B 117 -18.75 10.54 -29.67
N HIS B 118 -17.98 11.62 -29.68
CA HIS B 118 -16.56 11.53 -29.28
C HIS B 118 -16.42 11.13 -27.81
N ILE B 119 -17.25 11.72 -26.98
CA ILE B 119 -17.25 11.45 -25.53
C ILE B 119 -17.52 9.97 -25.25
N HIS B 120 -18.54 9.43 -25.91
CA HIS B 120 -18.84 7.99 -25.82
C HIS B 120 -17.65 7.13 -26.24
N SER B 121 -16.96 7.53 -27.30
CA SER B 121 -15.76 6.79 -27.76
C SER B 121 -14.58 6.91 -26.76
N VAL B 122 -14.44 8.07 -26.11
CA VAL B 122 -13.42 8.23 -25.04
C VAL B 122 -13.74 7.29 -23.87
N TRP B 123 -15.03 7.29 -23.47
CA TRP B 123 -15.53 6.44 -22.39
C TRP B 123 -15.25 4.96 -22.65
N LYS B 124 -15.67 4.51 -23.83
CA LYS B 124 -15.43 3.14 -24.28
C LYS B 124 -13.94 2.78 -24.24
N ASP B 125 -13.11 3.69 -24.73
CA ASP B 125 -11.65 3.50 -24.68
C ASP B 125 -11.13 3.36 -23.24
N LEU B 126 -11.67 4.16 -22.33
CA LEU B 126 -11.30 4.05 -20.90
C LEU B 126 -11.63 2.66 -20.35
N LEU B 127 -12.81 2.16 -20.71
CA LEU B 127 -13.27 0.85 -20.24
C LEU B 127 -12.40 -0.29 -20.77
N GLU B 128 -11.93 -0.14 -22.01
CA GLU B 128 -11.19 -1.22 -22.70
C GLU B 128 -9.67 -1.18 -22.51
N ASP B 129 -9.16 0.01 -22.22
CA ASP B 129 -7.72 0.24 -22.17
C ASP B 129 -7.35 0.87 -20.81
N THR B 130 -6.59 0.13 -20.00
CA THR B 130 -6.16 0.56 -18.66
C THR B 130 -4.66 0.93 -18.56
N VAL B 131 -3.99 1.02 -19.70
CA VAL B 131 -2.51 1.17 -19.70
C VAL B 131 -1.95 2.39 -20.45
N THR B 132 -2.58 2.79 -21.55
CA THR B 132 -1.98 3.81 -22.43
C THR B 132 -2.04 5.21 -21.85
N PRO B 133 -0.88 5.84 -21.64
CA PRO B 133 -0.91 7.18 -21.07
C PRO B 133 -1.73 8.16 -21.90
N ILE B 134 -2.52 8.96 -21.21
CA ILE B 134 -3.37 9.95 -21.86
C ILE B 134 -2.61 11.27 -21.95
N ASP B 135 -2.72 11.92 -23.11
CA ASP B 135 -2.04 13.20 -23.35
C ASP B 135 -2.60 14.30 -22.47
N THR B 136 -1.71 15.22 -22.11
CA THR B 136 -2.10 16.43 -21.39
C THR B 136 -1.47 17.66 -22.02
N THR B 137 -2.13 18.78 -21.84
CA THR B 137 -1.58 20.07 -22.24
C THR B 137 -0.99 20.76 -21.02
N ILE B 138 0.22 21.28 -21.17
CA ILE B 138 0.83 22.11 -20.11
C ILE B 138 0.84 23.58 -20.54
N MET B 139 0.29 24.42 -19.66
CA MET B 139 0.17 25.87 -19.91
C MET B 139 0.63 26.68 -18.71
N ALA B 140 1.00 27.93 -18.99
CA ALA B 140 1.30 28.90 -17.95
C ALA B 140 0.05 29.70 -17.59
N LYS B 141 -0.29 29.71 -16.30
CA LYS B 141 -1.42 30.53 -15.83
C LYS B 141 -1.05 32.01 -15.87
N ASN B 142 -2.04 32.80 -16.24
CA ASN B 142 -1.95 34.25 -16.19
C ASN B 142 -2.72 34.75 -14.98
N GLU B 143 -1.98 35.05 -13.92
CA GLU B 143 -2.55 35.54 -12.67
C GLU B 143 -1.92 36.86 -12.24
N VAL B 144 -2.73 37.69 -11.60
CA VAL B 144 -2.31 39.03 -11.20
C VAL B 144 -1.88 39.10 -9.73
N PHE B 145 -0.78 39.82 -9.50
CA PHE B 145 -0.23 40.02 -8.14
C PHE B 145 0.38 41.40 -7.93
N CYS B 146 0.63 41.71 -6.66
CA CYS B 146 1.43 42.88 -6.28
C CYS B 146 2.86 42.44 -6.03
N VAL B 147 3.82 43.27 -6.44
CA VAL B 147 5.24 42.92 -6.25
C VAL B 147 5.54 42.72 -4.76
N GLN B 148 6.42 41.78 -4.49
CA GLN B 148 6.83 41.46 -3.10
C GLN B 148 7.98 42.35 -2.62
N ALA B 149 8.19 42.35 -1.31
CA ALA B 149 9.28 43.11 -0.69
C ALA B 149 10.60 42.34 -0.76
N ARG B 154 9.03 39.35 -8.27
CA ARG B 154 7.86 38.78 -8.94
C ARG B 154 7.83 37.26 -8.86
N LYS B 155 6.62 36.72 -8.73
CA LYS B 155 6.39 35.28 -8.74
C LYS B 155 6.40 34.77 -10.18
N PRO B 156 7.05 33.62 -10.44
CA PRO B 156 6.90 33.03 -11.75
C PRO B 156 5.52 32.42 -11.93
N ALA B 157 5.11 32.25 -13.18
CA ALA B 157 3.78 31.71 -13.48
C ALA B 157 3.61 30.32 -12.87
N ARG B 158 2.44 30.10 -12.28
CA ARG B 158 2.05 28.73 -11.92
C ARG B 158 1.70 27.95 -13.19
N LEU B 159 1.84 26.63 -13.13
CA LEU B 159 1.56 25.80 -14.30
C LEU B 159 0.24 25.07 -14.12
N ILE B 160 -0.47 24.91 -15.23
CA ILE B 160 -1.68 24.09 -15.30
C ILE B 160 -1.50 22.94 -16.30
N VAL B 161 -1.84 21.73 -15.85
CA VAL B 161 -1.77 20.51 -16.67
C VAL B 161 -3.15 19.86 -16.76
N PHE B 162 -3.63 19.68 -17.99
CA PHE B 162 -5.02 19.23 -18.21
C PHE B 162 -5.20 18.39 -19.48
N PRO B 163 -6.14 17.43 -19.43
CA PRO B 163 -6.38 16.59 -20.59
C PRO B 163 -7.46 17.15 -21.48
N ASP B 164 -7.70 16.47 -22.60
CA ASP B 164 -8.67 16.94 -23.59
C ASP B 164 -10.07 17.03 -22.98
N LEU B 165 -10.84 17.97 -23.51
CA LEU B 165 -12.24 18.19 -23.13
C LEU B 165 -13.07 16.89 -23.05
N GLY B 166 -12.85 16.01 -24.01
CA GLY B 166 -13.55 14.71 -24.06
C GLY B 166 -13.25 13.86 -22.82
N VAL B 167 -11.98 13.87 -22.40
CA VAL B 167 -11.56 13.15 -21.20
C VAL B 167 -12.16 13.79 -19.95
N ARG B 168 -12.23 15.12 -19.95
CA ARG B 168 -12.75 15.86 -18.81
C ARG B 168 -14.24 15.54 -18.56
N VAL B 169 -15.01 15.45 -19.63
CA VAL B 169 -16.43 15.06 -19.50
C VAL B 169 -16.52 13.65 -18.90
N CYS B 170 -15.62 12.78 -19.35
CA CYS B 170 -15.55 11.41 -18.86
C CYS B 170 -15.20 11.32 -17.38
N GLU B 171 -14.30 12.20 -16.93
CA GLU B 171 -13.94 12.27 -15.51
C GLU B 171 -15.17 12.55 -14.67
N LYS B 172 -15.97 13.50 -15.14
CA LYS B 172 -17.19 13.91 -14.44
C LYS B 172 -18.13 12.72 -14.31
N MET B 173 -18.27 11.97 -15.39
CA MET B 173 -19.15 10.79 -15.42
C MET B 173 -18.73 9.79 -14.33
N ALA B 174 -17.45 9.49 -14.29
CA ALA B 174 -16.89 8.48 -13.40
C ALA B 174 -16.78 8.95 -11.94
N LEU B 175 -16.48 10.23 -11.73
CA LEU B 175 -15.95 10.71 -10.44
C LEU B 175 -16.61 11.93 -9.80
N TYR B 176 -17.51 12.60 -10.52
CA TYR B 176 -18.10 13.85 -9.98
C TYR B 176 -18.78 13.62 -8.65
N ASP B 177 -19.61 12.58 -8.61
CA ASP B 177 -20.36 12.24 -7.40
C ASP B 177 -19.43 11.81 -6.28
N VAL B 178 -18.39 11.07 -6.66
CA VAL B 178 -17.36 10.62 -5.70
C VAL B 178 -16.67 11.82 -5.03
N VAL B 179 -16.11 12.72 -5.83
CA VAL B 179 -15.32 13.86 -5.30
C VAL B 179 -16.19 14.89 -4.58
N SER B 180 -17.50 14.81 -4.83
CA SER B 180 -18.48 15.69 -4.18
C SER B 180 -18.95 15.20 -2.82
N THR B 181 -18.95 13.89 -2.64
CA THR B 181 -19.53 13.29 -1.43
C THR B 181 -18.52 12.63 -0.48
N LEU B 182 -17.51 11.99 -1.05
CA LEU B 182 -16.56 11.17 -0.28
C LEU B 182 -15.72 11.94 0.77
N PRO B 183 -15.16 13.11 0.42
CA PRO B 183 -14.23 13.81 1.34
C PRO B 183 -14.87 14.17 2.68
N GLN B 184 -16.11 14.65 2.62
CA GLN B 184 -16.85 15.00 3.86
C GLN B 184 -17.06 13.77 4.74
N VAL B 185 -17.40 12.65 4.10
CA VAL B 185 -17.61 11.40 4.81
C VAL B 185 -16.31 10.88 5.42
N VAL B 186 -15.21 11.02 4.68
CA VAL B 186 -13.92 10.47 5.13
C VAL B 186 -13.27 11.36 6.21
N MET B 187 -13.36 12.66 6.03
CA MET B 187 -12.62 13.64 6.87
C MET B 187 -13.49 14.37 7.90
N GLY B 188 -14.80 14.23 7.75
CA GLY B 188 -15.77 14.82 8.66
C GLY B 188 -15.63 16.33 8.76
N SER B 189 -15.61 16.83 9.98
CA SER B 189 -15.55 18.28 10.23
C SER B 189 -14.25 18.92 9.74
N SER B 190 -13.22 18.09 9.53
CA SER B 190 -11.92 18.56 9.03
C SER B 190 -11.93 18.99 7.56
N TYR B 191 -12.94 18.55 6.82
CA TYR B 191 -13.06 18.89 5.40
C TYR B 191 -13.49 20.33 5.22
N GLY B 192 -12.56 21.16 4.75
CA GLY B 192 -12.70 22.63 4.76
C GLY B 192 -13.63 23.25 3.74
N PHE B 193 -13.91 22.52 2.66
CA PHE B 193 -14.77 23.02 1.57
C PHE B 193 -16.27 22.97 1.90
N GLN B 194 -16.61 22.32 3.01
CA GLN B 194 -18.04 22.23 3.44
C GLN B 194 -18.56 23.50 4.12
N TYR B 195 -17.63 24.36 4.54
CA TYR B 195 -17.97 25.56 5.29
C TYR B 195 -18.05 26.80 4.41
N SER B 196 -19.11 27.58 4.62
CA SER B 196 -19.13 28.99 4.20
C SER B 196 -18.09 29.72 5.05
N PRO B 197 -17.75 30.97 4.68
CA PRO B 197 -16.79 31.71 5.51
C PRO B 197 -17.25 31.86 6.95
N GLY B 198 -18.55 32.09 7.13
CA GLY B 198 -19.15 32.29 8.45
C GLY B 198 -19.14 31.01 9.29
N GLN B 199 -19.46 29.91 8.63
CA GLN B 199 -19.41 28.58 9.26
C GLN B 199 -18.00 28.17 9.61
N ARG B 200 -17.05 28.57 8.77
CA ARG B 200 -15.63 28.27 9.00
C ARG B 200 -15.17 28.96 10.27
N VAL B 201 -15.47 30.26 10.38
CA VAL B 201 -15.11 31.04 11.56
CA VAL B 201 -15.11 31.04 11.57
C VAL B 201 -15.71 30.45 12.82
N GLU B 202 -17.00 30.10 12.74
CA GLU B 202 -17.71 29.47 13.85
C GLU B 202 -17.04 28.14 14.28
N PHE B 203 -16.61 27.36 13.29
CA PHE B 203 -15.93 26.10 13.60
C PHE B 203 -14.58 26.34 14.27
N LEU B 204 -13.83 27.30 13.76
CA LEU B 204 -12.51 27.63 14.31
C LEU B 204 -12.59 28.13 15.75
N VAL B 205 -13.57 29.00 15.99
CA VAL B 205 -13.75 29.61 17.32
C VAL B 205 -14.16 28.57 18.36
N ASN B 206 -15.16 27.76 18.01
CA ASN B 206 -15.60 26.67 18.88
C ASN B 206 -14.45 25.69 19.17
N THR B 207 -13.66 25.42 18.14
CA THR B 207 -12.53 24.48 18.24
C THR B 207 -11.43 25.04 19.18
N TRP B 208 -11.16 26.33 19.02
CA TRP B 208 -10.18 27.05 19.86
C TRP B 208 -10.59 27.03 21.33
N LYS B 209 -11.88 27.21 21.56
CA LYS B 209 -12.45 27.28 22.91
C LYS B 209 -12.58 25.91 23.56
N SER B 210 -12.60 24.87 22.73
CA SER B 210 -12.72 23.48 23.20
C SER B 210 -11.42 22.93 23.77
N LYS B 211 -10.34 23.69 23.63
CA LYS B 211 -9.04 23.32 24.22
C LYS B 211 -8.80 24.12 25.52
N LYS B 212 -8.20 23.45 26.50
CA LYS B 212 -7.91 24.06 27.80
C LYS B 212 -6.85 25.14 27.64
N ASN B 213 -5.75 24.77 27.00
CA ASN B 213 -4.67 25.69 26.64
C ASN B 213 -4.38 25.61 25.14
N PRO B 214 -5.14 26.36 24.33
CA PRO B 214 -5.06 26.16 22.89
C PRO B 214 -3.75 26.61 22.27
N MET B 215 -3.30 25.81 21.32
CA MET B 215 -2.25 26.21 20.39
C MET B 215 -2.70 25.84 18.99
N GLY B 216 -2.25 26.62 18.02
CA GLY B 216 -2.55 26.37 16.62
C GLY B 216 -1.46 26.78 15.67
N PHE B 217 -1.41 26.11 14.53
CA PHE B 217 -0.48 26.46 13.46
C PHE B 217 -0.99 26.11 12.07
N SER B 218 -0.46 26.83 11.11
CA SER B 218 -0.67 26.51 9.71
C SER B 218 0.56 25.78 9.23
N TYR B 219 0.34 24.84 8.33
CA TYR B 219 1.45 24.13 7.67
C TYR B 219 1.29 24.24 6.17
N ASP B 220 2.24 24.89 5.54
CA ASP B 220 2.20 25.11 4.09
C ASP B 220 3.33 24.36 3.40
N THR B 221 2.94 23.34 2.63
CA THR B 221 3.89 22.47 1.95
C THR B 221 4.48 23.21 0.76
N ARG B 222 5.77 22.99 0.55
CA ARG B 222 6.47 23.53 -0.62
C ARG B 222 6.06 22.79 -1.88
N CYS B 223 5.37 23.48 -2.77
CA CYS B 223 5.04 22.96 -4.10
CA CYS B 223 5.03 22.95 -4.09
C CYS B 223 4.34 21.59 -3.97
N PHE B 224 3.18 21.62 -3.32
CA PHE B 224 2.47 20.41 -2.91
C PHE B 224 2.20 19.43 -4.05
N ASP B 225 1.77 19.96 -5.19
CA ASP B 225 1.46 19.13 -6.37
C ASP B 225 2.65 18.26 -6.76
N SER B 226 3.84 18.85 -6.71
CA SER B 226 5.08 18.14 -7.08
C SER B 226 5.49 17.09 -6.06
N THR B 227 5.09 17.28 -4.81
CA THR B 227 5.40 16.33 -3.74
C THR B 227 4.49 15.07 -3.77
N VAL B 228 3.39 15.17 -4.52
CA VAL B 228 2.47 14.04 -4.66
C VAL B 228 3.11 12.95 -5.52
N THR B 229 3.25 11.77 -4.95
CA THR B 229 3.93 10.64 -5.61
C THR B 229 2.97 9.66 -6.27
N GLU B 230 3.53 8.68 -6.98
CA GLU B 230 2.75 7.60 -7.60
C GLU B 230 1.97 6.84 -6.54
N ASN B 231 2.65 6.56 -5.43
CA ASN B 231 2.05 5.91 -4.25
C ASN B 231 0.84 6.66 -3.74
N ASP B 232 0.99 7.97 -3.59
CA ASP B 232 -0.07 8.82 -3.06
C ASP B 232 -1.31 8.72 -3.96
N ILE B 233 -1.08 8.73 -5.26
CA ILE B 233 -2.16 8.75 -6.25
C ILE B 233 -2.87 7.39 -6.34
N ARG B 234 -2.10 6.32 -6.15
CA ARG B 234 -2.67 4.96 -6.07
C ARG B 234 -3.44 4.78 -4.78
N VAL B 235 -2.90 5.31 -3.69
CA VAL B 235 -3.58 5.27 -2.39
C VAL B 235 -4.93 5.99 -2.46
N GLU B 236 -4.95 7.15 -3.12
CA GLU B 236 -6.19 7.90 -3.35
C GLU B 236 -7.21 7.03 -4.09
N GLU B 237 -6.73 6.35 -5.13
CA GLU B 237 -7.58 5.45 -5.93
C GLU B 237 -8.16 4.33 -5.07
N SER B 238 -7.32 3.76 -4.20
CA SER B 238 -7.76 2.67 -3.30
C SER B 238 -8.91 3.14 -2.40
N ILE B 239 -8.87 4.42 -2.03
CA ILE B 239 -9.94 5.04 -1.24
C ILE B 239 -11.24 5.18 -2.06
N TYR B 240 -11.11 5.73 -3.27
CA TYR B 240 -12.26 5.89 -4.16
C TYR B 240 -12.94 4.55 -4.38
N GLN B 241 -12.13 3.51 -4.53
CA GLN B 241 -12.59 2.17 -4.87
C GLN B 241 -13.30 1.47 -3.70
N CYS B 242 -13.16 2.01 -2.49
CA CYS B 242 -13.93 1.53 -1.32
C CYS B 242 -15.43 1.84 -1.46
N CYS B 243 -15.76 2.83 -2.28
CA CYS B 243 -17.15 3.25 -2.46
C CYS B 243 -18.00 2.16 -3.10
N ASP B 244 -19.29 2.21 -2.82
CA ASP B 244 -20.28 1.45 -3.57
C ASP B 244 -20.44 2.13 -4.92
N LEU B 245 -19.96 1.44 -5.95
CA LEU B 245 -19.87 1.97 -7.32
C LEU B 245 -20.44 1.03 -8.37
N ALA B 246 -20.93 1.61 -9.45
CA ALA B 246 -21.26 0.86 -10.67
C ALA B 246 -19.97 0.26 -11.24
N PRO B 247 -20.04 -0.98 -11.76
CA PRO B 247 -18.87 -1.64 -12.33
C PRO B 247 -18.16 -0.80 -13.39
N GLU B 248 -18.94 -0.16 -14.26
CA GLU B 248 -18.36 0.73 -15.31
C GLU B 248 -17.56 1.87 -14.66
N ALA B 249 -18.07 2.40 -13.56
CA ALA B 249 -17.40 3.47 -12.81
C ALA B 249 -16.07 3.01 -12.22
N ARG B 250 -16.05 1.80 -11.68
CA ARG B 250 -14.82 1.21 -11.10
C ARG B 250 -13.72 1.10 -12.11
N GLN B 251 -14.08 0.59 -13.29
CA GLN B 251 -13.14 0.40 -14.38
C GLN B 251 -12.57 1.72 -14.89
N ALA B 252 -13.47 2.68 -15.07
CA ALA B 252 -13.10 4.03 -15.53
C ALA B 252 -12.15 4.72 -14.54
N ILE B 253 -12.38 4.50 -13.26
CA ILE B 253 -11.57 5.12 -12.18
C ILE B 253 -10.19 4.46 -12.12
N LYS B 254 -10.17 3.14 -12.35
CA LYS B 254 -8.90 2.42 -12.45
C LYS B 254 -8.13 2.91 -13.67
N SER B 255 -8.83 2.98 -14.79
CA SER B 255 -8.23 3.42 -16.06
CA SER B 255 -8.24 3.42 -16.04
C SER B 255 -7.69 4.85 -15.97
N LEU B 256 -8.52 5.76 -15.48
CA LEU B 256 -8.13 7.17 -15.36
C LEU B 256 -6.91 7.33 -14.45
N THR B 257 -6.86 6.53 -13.40
CA THR B 257 -5.76 6.56 -12.44
C THR B 257 -4.44 6.13 -13.09
N GLU B 258 -4.49 5.00 -13.79
CA GLU B 258 -3.29 4.44 -14.43
C GLU B 258 -2.79 5.31 -15.58
N ARG B 259 -3.73 5.85 -16.34
CA ARG B 259 -3.43 6.50 -17.63
C ARG B 259 -3.23 8.00 -17.52
N LEU B 260 -3.82 8.60 -16.50
CA LEU B 260 -3.89 10.07 -16.37
C LEU B 260 -3.37 10.58 -15.04
N TYR B 261 -4.00 10.15 -13.96
CA TYR B 261 -3.74 10.76 -12.64
C TYR B 261 -2.31 10.53 -12.15
N ILE B 262 -1.79 9.31 -12.35
CA ILE B 262 -0.44 8.96 -11.87
C ILE B 262 0.65 9.71 -12.62
N GLY B 263 0.38 9.99 -13.89
CA GLY B 263 1.34 10.65 -14.74
C GLY B 263 1.02 10.57 -16.22
N GLY B 264 1.85 11.25 -17.00
CA GLY B 264 1.74 11.22 -18.45
C GLY B 264 2.59 12.23 -19.20
N PRO B 265 2.57 12.15 -20.54
CA PRO B 265 3.32 13.07 -21.36
C PRO B 265 2.71 14.46 -21.32
N LEU B 266 3.58 15.44 -21.49
CA LEU B 266 3.24 16.85 -21.43
C LEU B 266 3.47 17.47 -22.77
N THR B 267 2.43 18.06 -23.31
CA THR B 267 2.46 18.69 -24.62
C THR B 267 2.12 20.17 -24.51
N ASN B 268 2.89 21.01 -25.19
CA ASN B 268 2.57 22.46 -25.21
C ASN B 268 1.46 22.80 -26.20
N SER B 269 1.08 24.08 -26.22
CA SER B 269 -0.03 24.58 -27.06
C SER B 269 0.25 24.43 -28.56
N LYS B 270 1.54 24.39 -28.91
CA LYS B 270 1.97 24.20 -30.30
C LYS B 270 2.10 22.72 -30.69
N GLY B 271 1.77 21.83 -29.77
CA GLY B 271 1.81 20.39 -30.02
C GLY B 271 3.15 19.72 -29.82
N GLN B 272 4.10 20.42 -29.20
CA GLN B 272 5.42 19.84 -28.93
C GLN B 272 5.48 19.12 -27.58
N ASN B 273 6.21 18.01 -27.57
CA ASN B 273 6.47 17.26 -26.36
C ASN B 273 7.41 18.03 -25.42
N CYS B 274 6.86 18.47 -24.30
CA CYS B 274 7.60 19.23 -23.28
C CYS B 274 8.30 18.34 -22.28
N GLY B 275 7.80 17.12 -22.12
CA GLY B 275 8.35 16.16 -21.18
C GLY B 275 7.33 15.22 -20.56
N TYR B 276 7.58 14.87 -19.31
CA TYR B 276 6.79 13.84 -18.60
C TYR B 276 6.55 14.14 -17.13
N ARG B 277 5.31 13.94 -16.70
CA ARG B 277 4.86 14.19 -15.33
C ARG B 277 4.69 12.91 -14.51
N ARG B 278 5.20 12.95 -13.29
CA ARG B 278 5.09 11.83 -12.31
C ARG B 278 4.55 12.32 -10.97
N CYS B 279 3.76 13.38 -11.04
CA CYS B 279 3.16 14.00 -9.86
C CYS B 279 1.73 14.44 -10.15
N ARG B 280 1.16 15.19 -9.23
CA ARG B 280 -0.23 15.67 -9.37
C ARG B 280 -0.42 16.60 -10.56
N ALA B 281 -1.42 16.25 -11.38
CA ALA B 281 -1.92 17.15 -12.42
C ALA B 281 -2.82 18.19 -11.77
N SER B 282 -2.51 19.48 -12.01
CA SER B 282 -3.26 20.58 -11.40
C SER B 282 -4.63 20.81 -12.03
N GLY B 283 -4.84 20.24 -13.21
CA GLY B 283 -6.02 20.55 -14.03
C GLY B 283 -6.90 19.34 -14.30
N VAL B 284 -7.05 18.50 -13.29
CA VAL B 284 -7.99 17.37 -13.34
C VAL B 284 -9.03 17.43 -12.24
N LEU B 285 -10.11 16.67 -12.45
CA LEU B 285 -11.29 16.71 -11.58
C LEU B 285 -10.97 16.35 -10.15
N THR B 286 -10.06 15.39 -10.00
CA THR B 286 -9.66 14.85 -8.70
C THR B 286 -8.56 15.66 -8.00
N THR B 287 -8.16 16.80 -8.58
CA THR B 287 -7.03 17.57 -8.03
C THR B 287 -7.30 18.04 -6.60
N SER B 288 -8.46 18.65 -6.39
CA SER B 288 -8.84 19.17 -5.08
C SER B 288 -9.06 18.06 -4.05
N CYS B 289 -9.90 17.10 -4.44
CA CYS B 289 -10.22 15.95 -3.59
C CYS B 289 -8.99 15.13 -3.22
N GLY B 290 -8.17 14.84 -4.22
CA GLY B 290 -6.93 14.07 -4.03
C GLY B 290 -5.91 14.78 -3.15
N ASN B 291 -5.71 16.06 -3.38
CA ASN B 291 -4.78 16.87 -2.55
C ASN B 291 -5.26 16.92 -1.11
N THR B 292 -6.57 17.07 -0.94
CA THR B 292 -7.17 17.21 0.39
C THR B 292 -7.04 15.91 1.17
N LEU B 293 -7.37 14.81 0.51
CA LEU B 293 -7.23 13.48 1.13
C LEU B 293 -5.77 13.20 1.52
N THR B 294 -4.86 13.46 0.59
CA THR B 294 -3.43 13.18 0.78
C THR B 294 -2.84 14.06 1.87
N CYS B 295 -3.24 15.32 1.89
CA CYS B 295 -2.76 16.26 2.92
C CYS B 295 -3.27 15.81 4.29
N TYR B 296 -4.54 15.46 4.33
CA TYR B 296 -5.19 15.00 5.56
C TYR B 296 -4.54 13.73 6.10
N LEU B 297 -4.25 12.81 5.19
CA LEU B 297 -3.62 11.53 5.56
C LEU B 297 -2.23 11.74 6.18
N LYS B 298 -1.39 12.47 5.47
CA LYS B 298 -0.01 12.71 5.89
C LYS B 298 0.01 13.51 7.19
N ALA B 299 -0.84 14.53 7.26
CA ALA B 299 -0.91 15.42 8.42
C ALA B 299 -1.46 14.71 9.66
N SER B 300 -2.50 13.89 9.48
CA SER B 300 -3.08 13.13 10.59
C SER B 300 -2.04 12.18 11.20
N ALA B 301 -1.34 11.48 10.32
CA ALA B 301 -0.28 10.55 10.71
C ALA B 301 0.85 11.28 11.43
N ALA B 302 1.18 12.46 10.92
CA ALA B 302 2.26 13.29 11.46
C ALA B 302 1.90 13.83 12.84
N CYS B 303 0.61 14.11 13.05
CA CYS B 303 0.12 14.51 14.38
C CYS B 303 0.39 13.44 15.42
N ARG B 304 0.17 12.19 15.02
CA ARG B 304 0.37 11.04 15.92
C ARG B 304 1.86 10.87 16.22
N ALA B 305 2.68 10.96 15.18
CA ALA B 305 4.13 10.90 15.31
C ALA B 305 4.67 11.97 16.27
N ALA B 306 4.12 13.18 16.14
CA ALA B 306 4.54 14.33 16.97
C ALA B 306 3.91 14.30 18.36
N LYS B 307 3.01 13.35 18.59
CA LYS B 307 2.34 13.15 19.89
C LYS B 307 1.59 14.41 20.34
N LEU B 308 1.06 15.14 19.37
CA LEU B 308 0.24 16.32 19.68
C LEU B 308 -1.06 15.85 20.33
N GLN B 309 -1.50 16.60 21.34
CA GLN B 309 -2.66 16.22 22.15
C GLN B 309 -3.96 16.87 21.68
N ASP B 310 -4.98 16.04 21.48
CA ASP B 310 -6.33 16.51 21.15
C ASP B 310 -6.31 17.39 19.90
N CYS B 311 -5.71 16.84 18.85
CA CYS B 311 -5.61 17.51 17.56
C CYS B 311 -6.94 17.63 16.84
N THR B 312 -7.27 18.87 16.49
CA THR B 312 -8.35 19.16 15.52
C THR B 312 -7.74 19.75 14.25
N MET B 313 -8.00 19.08 13.13
CA MET B 313 -7.46 19.52 11.85
C MET B 313 -8.51 20.16 10.95
N LEU B 314 -8.04 21.13 10.18
CA LEU B 314 -8.80 21.74 9.11
C LEU B 314 -7.96 21.76 7.84
N VAL B 315 -8.49 21.09 6.83
CA VAL B 315 -7.77 20.83 5.58
C VAL B 315 -8.62 21.13 4.34
N ASN B 316 -8.06 21.93 3.43
CA ASN B 316 -8.60 22.10 2.08
C ASN B 316 -7.52 22.24 1.03
N GLY B 317 -7.53 21.31 0.08
CA GLY B 317 -6.42 21.15 -0.85
C GLY B 317 -5.12 20.92 -0.10
N ASP B 318 -4.12 21.73 -0.40
CA ASP B 318 -2.80 21.63 0.20
C ASP B 318 -2.67 22.51 1.45
N ASP B 319 -3.75 23.21 1.78
CA ASP B 319 -3.78 24.09 2.94
C ASP B 319 -4.29 23.34 4.16
N LEU B 320 -3.55 23.53 5.25
CA LEU B 320 -3.73 22.77 6.47
C LEU B 320 -3.55 23.67 7.69
N VAL B 321 -4.50 23.55 8.61
CA VAL B 321 -4.41 24.15 9.93
C VAL B 321 -4.72 23.11 11.00
N VAL B 322 -3.88 23.08 12.03
CA VAL B 322 -4.08 22.23 13.19
C VAL B 322 -4.25 23.08 14.44
N ILE B 323 -5.30 22.78 15.18
CA ILE B 323 -5.49 23.33 16.52
C ILE B 323 -5.51 22.19 17.54
N CYS B 324 -4.71 22.34 18.59
CA CYS B 324 -4.49 21.27 19.57
C CYS B 324 -4.21 21.79 20.99
N GLU B 325 -3.92 20.86 21.91
CA GLU B 325 -3.52 21.23 23.29
C GLU B 325 -2.05 21.62 23.36
N SER B 326 -1.79 22.77 23.95
CA SER B 326 -0.43 23.25 24.20
C SER B 326 0.28 22.51 25.34
N ALA B 327 1.58 22.29 25.15
CA ALA B 327 2.50 21.77 26.17
C ALA B 327 3.52 22.83 26.58
N GLY B 328 3.17 24.09 26.36
CA GLY B 328 4.07 25.22 26.62
C GLY B 328 4.85 25.59 25.37
N VAL B 329 5.38 26.81 25.35
CA VAL B 329 5.99 27.39 24.14
C VAL B 329 7.15 26.56 23.59
N GLN B 330 8.06 26.17 24.47
CA GLN B 330 9.30 25.49 24.07
C GLN B 330 9.05 24.06 23.64
N GLU B 331 8.11 23.42 24.32
CA GLU B 331 7.74 22.04 24.01
C GLU B 331 6.96 21.97 22.69
N ASP B 332 6.07 22.94 22.50
CA ASP B 332 5.27 23.06 21.26
C ASP B 332 6.17 23.26 20.06
N ALA B 333 7.18 24.10 20.22
CA ALA B 333 8.17 24.36 19.19
C ALA B 333 8.85 23.05 18.77
N ALA B 334 9.21 22.27 19.77
CA ALA B 334 9.84 20.96 19.55
C ALA B 334 8.89 19.98 18.84
N SER B 335 7.63 19.96 19.28
CA SER B 335 6.60 19.06 18.70
C SER B 335 6.39 19.31 17.23
N LEU B 336 6.39 20.60 16.87
CA LEU B 336 6.18 21.03 15.48
C LEU B 336 7.34 20.61 14.59
N ARG B 337 8.55 20.62 15.16
CA ARG B 337 9.73 20.14 14.43
C ARG B 337 9.60 18.66 14.09
N VAL B 338 9.06 17.89 15.05
CA VAL B 338 8.80 16.47 14.87
C VAL B 338 7.67 16.24 13.85
N PHE B 339 6.63 17.06 13.93
CA PHE B 339 5.52 17.07 12.95
C PHE B 339 6.10 17.27 11.55
N THR B 340 6.97 18.28 11.45
CA THR B 340 7.60 18.68 10.19
C THR B 340 8.51 17.58 9.64
N GLU B 341 9.26 16.94 10.54
CA GLU B 341 10.12 15.81 10.16
C GLU B 341 9.28 14.66 9.58
N ALA B 342 8.16 14.38 10.22
CA ALA B 342 7.27 13.30 9.80
C ALA B 342 6.68 13.61 8.43
N MET B 343 6.19 14.84 8.26
CA MET B 343 5.59 15.30 7.00
C MET B 343 6.60 15.18 5.87
N THR B 344 7.84 15.55 6.16
CA THR B 344 8.93 15.50 5.20
C THR B 344 9.25 14.07 4.77
N ARG B 345 9.27 13.15 5.74
CA ARG B 345 9.46 11.72 5.45
C ARG B 345 8.34 11.20 4.53
N TYR B 346 7.14 11.77 4.70
CA TYR B 346 5.98 11.44 3.83
C TYR B 346 6.02 12.24 2.52
N SER B 347 7.17 12.82 2.22
CA SER B 347 7.42 13.60 0.99
C SER B 347 6.90 15.03 0.96
N ALA B 348 6.43 15.56 2.09
CA ALA B 348 5.79 16.90 2.13
C ALA B 348 6.50 17.90 3.05
N PRO B 349 7.72 18.35 2.68
CA PRO B 349 8.41 19.32 3.50
C PRO B 349 7.78 20.70 3.38
N PRO B 350 7.99 21.55 4.39
CA PRO B 350 7.37 22.86 4.41
C PRO B 350 8.13 23.85 3.57
N GLY B 351 7.42 24.83 3.02
CA GLY B 351 8.05 25.96 2.35
C GLY B 351 8.71 26.83 3.40
N ASP B 352 7.93 27.17 4.42
CA ASP B 352 8.41 27.90 5.59
C ASP B 352 8.09 27.07 6.84
N PRO B 353 9.01 27.02 7.82
CA PRO B 353 8.72 26.19 8.99
C PRO B 353 7.46 26.67 9.71
N PRO B 354 6.64 25.73 10.23
CA PRO B 354 5.44 26.14 10.94
C PRO B 354 5.77 26.81 12.26
N GLN B 355 4.91 27.76 12.64
CA GLN B 355 5.07 28.47 13.90
C GLN B 355 3.83 28.30 14.77
N PRO B 356 4.02 27.93 16.04
CA PRO B 356 2.88 27.85 16.93
C PRO B 356 2.33 29.22 17.28
N GLU B 357 1.00 29.30 17.35
CA GLU B 357 0.31 30.53 17.71
C GLU B 357 -0.63 30.29 18.88
N TYR B 358 -0.74 31.30 19.73
CA TYR B 358 -1.52 31.21 20.97
C TYR B 358 -2.66 32.21 20.99
N ASP B 359 -2.93 32.77 19.81
CA ASP B 359 -4.10 33.62 19.57
C ASP B 359 -4.66 33.25 18.20
N LEU B 360 -5.94 32.89 18.19
CA LEU B 360 -6.61 32.39 16.99
C LEU B 360 -6.41 33.33 15.80
N GLU B 361 -6.53 34.62 16.08
CA GLU B 361 -6.50 35.67 15.05
C GLU B 361 -5.15 35.80 14.35
N LEU B 362 -4.10 35.28 14.99
CA LEU B 362 -2.74 35.36 14.43
C LEU B 362 -2.43 34.20 13.48
N ILE B 363 -3.32 33.21 13.44
CA ILE B 363 -3.16 32.08 12.51
C ILE B 363 -3.62 32.49 11.12
N THR B 364 -2.68 32.42 10.17
CA THR B 364 -2.98 32.72 8.78
C THR B 364 -2.98 31.45 7.93
N SER B 365 -4.02 31.31 7.13
CA SER B 365 -4.14 30.22 6.16
C SER B 365 -5.02 30.64 5.00
N CYS B 366 -4.61 30.25 3.79
CA CYS B 366 -5.23 30.71 2.54
C CYS B 366 -5.27 32.23 2.51
N SER B 367 -4.18 32.83 3.02
CA SER B 367 -4.00 34.29 3.11
C SER B 367 -5.02 34.98 4.02
N SER B 368 -5.76 34.18 4.75
CA SER B 368 -6.87 34.69 5.56
C SER B 368 -6.68 34.46 7.05
N ASN B 369 -7.44 35.23 7.82
CA ASN B 369 -7.47 35.09 9.28
C ASN B 369 -8.81 35.47 9.88
N VAL B 370 -9.04 34.99 11.10
CA VAL B 370 -10.20 35.40 11.88
C VAL B 370 -9.97 36.78 12.49
N SER B 371 -10.98 37.63 12.41
CA SER B 371 -10.97 38.94 13.03
C SER B 371 -12.30 39.27 13.68
N VAL B 372 -12.32 40.37 14.42
CA VAL B 372 -13.51 40.78 15.18
C VAL B 372 -14.03 42.15 14.79
N ALA B 373 -15.34 42.24 14.67
CA ALA B 373 -16.04 43.51 14.54
C ALA B 373 -17.26 43.49 15.44
N HIS B 374 -18.08 44.54 15.33
CA HIS B 374 -19.31 44.63 16.12
C HIS B 374 -20.55 44.87 15.26
N ASP B 375 -21.64 44.22 15.65
CA ASP B 375 -22.94 44.41 14.96
C ASP B 375 -23.66 45.66 15.46
N ALA B 376 -24.89 45.85 15.00
CA ALA B 376 -25.67 47.05 15.30
C ALA B 376 -25.89 47.22 16.79
N SER B 377 -26.14 46.10 17.47
CA SER B 377 -26.42 46.12 18.92
C SER B 377 -25.15 46.27 19.75
N GLY B 378 -23.99 46.20 19.10
CA GLY B 378 -22.68 46.31 19.77
C GLY B 378 -22.08 44.97 20.14
N LYS B 379 -22.77 43.89 19.80
CA LYS B 379 -22.27 42.53 20.04
C LYS B 379 -21.08 42.20 19.16
N ARG B 380 -20.12 41.48 19.74
CA ARG B 380 -18.93 41.03 19.02
C ARG B 380 -19.29 40.02 17.95
N VAL B 381 -18.80 40.26 16.74
CA VAL B 381 -19.00 39.36 15.61
C VAL B 381 -17.68 38.96 14.97
N TYR B 382 -17.38 37.67 15.02
CA TYR B 382 -16.19 37.12 14.38
C TYR B 382 -16.46 36.94 12.89
N TYR B 383 -15.45 37.22 12.09
CA TYR B 383 -15.57 37.09 10.62
C TYR B 383 -14.23 36.76 10.01
N LEU B 384 -14.28 36.29 8.76
CA LEU B 384 -13.07 35.98 7.99
C LEU B 384 -12.66 37.17 7.15
N THR B 385 -11.42 37.58 7.34
CA THR B 385 -10.82 38.59 6.49
C THR B 385 -9.57 38.03 5.82
N ARG B 386 -8.93 38.89 5.04
CA ARG B 386 -7.63 38.59 4.45
C ARG B 386 -6.92 39.86 4.10
N ASP B 387 -5.61 39.72 3.88
CA ASP B 387 -4.80 40.80 3.34
C ASP B 387 -5.43 41.22 2.00
N PRO B 388 -5.73 42.53 1.83
CA PRO B 388 -6.45 42.96 0.65
C PRO B 388 -5.55 43.30 -0.55
N THR B 389 -4.24 43.11 -0.39
CA THR B 389 -3.28 43.50 -1.43
C THR B 389 -3.59 42.86 -2.79
N THR B 390 -3.71 41.54 -2.79
CA THR B 390 -3.97 40.78 -4.03
C THR B 390 -5.35 41.09 -4.63
N PRO B 391 -6.43 41.05 -3.81
CA PRO B 391 -7.74 41.49 -4.30
C PRO B 391 -7.73 42.87 -4.92
N LEU B 392 -7.01 43.80 -4.31
CA LEU B 392 -6.96 45.18 -4.84
C LEU B 392 -6.18 45.26 -6.14
N ALA B 393 -5.10 44.49 -6.23
CA ALA B 393 -4.29 44.43 -7.45
C ALA B 393 -5.12 43.85 -8.61
N ARG B 394 -5.88 42.81 -8.30
CA ARG B 394 -6.76 42.16 -9.30
C ARG B 394 -7.92 43.05 -9.71
N ALA B 395 -8.48 43.78 -8.74
CA ALA B 395 -9.52 44.77 -9.00
C ALA B 395 -9.04 45.82 -10.00
N ALA B 396 -7.79 46.25 -9.82
CA ALA B 396 -7.16 47.23 -10.71
C ALA B 396 -7.06 46.73 -12.15
N TRP B 397 -6.65 45.47 -12.30
CA TRP B 397 -6.56 44.85 -13.62
C TRP B 397 -7.95 44.76 -14.27
N GLU B 398 -8.90 44.32 -13.46
CA GLU B 398 -10.30 44.09 -13.91
C GLU B 398 -11.03 45.40 -14.20
N THR B 399 -10.50 46.48 -13.64
CA THR B 399 -11.01 47.83 -13.95
C THR B 399 -10.77 48.20 -15.41
N ALA B 400 -9.62 47.77 -15.94
CA ALA B 400 -9.20 48.14 -17.30
C ALA B 400 -9.40 47.04 -18.33
N ARG B 401 -9.60 45.82 -17.86
CA ARG B 401 -9.70 44.65 -18.74
C ARG B 401 -10.80 43.70 -18.31
N HIS B 402 -11.49 43.14 -19.30
CA HIS B 402 -12.42 42.06 -19.06
C HIS B 402 -11.64 40.76 -18.92
N THR B 403 -11.91 40.06 -17.84
CA THR B 403 -11.21 38.81 -17.50
C THR B 403 -12.20 37.65 -17.44
N PRO B 404 -11.71 36.40 -17.55
CA PRO B 404 -12.61 35.24 -17.49
C PRO B 404 -13.28 35.05 -16.13
N VAL B 405 -12.58 35.35 -15.03
CA VAL B 405 -13.06 34.99 -13.67
C VAL B 405 -13.58 36.07 -12.66
N ASN B 406 -13.52 37.35 -13.01
CA ASN B 406 -14.07 38.41 -12.13
C ASN B 406 -13.83 38.26 -10.62
N SER B 407 -12.57 38.36 -10.23
CA SER B 407 -12.19 38.18 -8.82
C SER B 407 -12.88 39.15 -7.88
N TRP B 408 -13.16 40.36 -8.36
CA TRP B 408 -13.81 41.39 -7.52
C TRP B 408 -15.17 40.90 -7.00
N LEU B 409 -15.88 40.21 -7.87
CA LEU B 409 -17.22 39.72 -7.52
C LEU B 409 -17.17 38.58 -6.51
N GLY B 410 -16.29 37.62 -6.79
CA GLY B 410 -16.02 36.54 -5.84
C GLY B 410 -15.56 37.05 -4.48
N ASN B 411 -14.68 38.05 -4.52
CA ASN B 411 -14.17 38.65 -3.28
C ASN B 411 -15.27 39.34 -2.49
N ILE B 412 -16.18 40.02 -3.18
CA ILE B 412 -17.28 40.73 -2.50
C ILE B 412 -18.21 39.71 -1.84
N ILE B 413 -18.42 38.60 -2.52
CA ILE B 413 -19.29 37.53 -2.01
C ILE B 413 -18.68 36.87 -0.78
N MET B 414 -17.42 36.46 -0.92
CA MET B 414 -16.76 35.68 0.12
C MET B 414 -16.30 36.53 1.30
N TYR B 415 -15.90 37.77 1.02
CA TYR B 415 -15.36 38.67 2.04
C TYR B 415 -16.24 39.91 2.28
N ALA B 416 -17.54 39.72 2.06
CA ALA B 416 -18.56 40.76 2.24
C ALA B 416 -18.52 41.51 3.58
N PRO B 417 -18.26 40.81 4.70
CA PRO B 417 -18.25 41.51 5.99
C PRO B 417 -17.02 42.40 6.23
N THR B 418 -16.03 42.31 5.35
CA THR B 418 -14.76 43.04 5.59
C THR B 418 -14.86 44.52 5.24
N LEU B 419 -14.03 45.29 5.92
CA LEU B 419 -13.96 46.73 5.73
C LEU B 419 -13.58 47.08 4.30
N TRP B 420 -12.61 46.35 3.79
CA TRP B 420 -12.07 46.61 2.44
C TRP B 420 -13.03 46.18 1.30
N ALA B 421 -13.71 45.05 1.48
CA ALA B 421 -14.69 44.61 0.46
C ALA B 421 -15.86 45.59 0.36
N ARG B 422 -16.31 46.06 1.51
CA ARG B 422 -17.49 46.93 1.57
C ARG B 422 -17.22 48.34 1.08
N MET B 423 -16.10 48.90 1.54
CA MET B 423 -15.81 50.32 1.30
C MET B 423 -15.20 50.57 -0.06
N ILE B 424 -14.34 49.65 -0.51
CA ILE B 424 -13.58 49.85 -1.73
C ILE B 424 -14.17 49.06 -2.92
N LEU B 425 -14.23 47.75 -2.78
CA LEU B 425 -14.66 46.88 -3.91
C LEU B 425 -16.11 47.14 -4.34
N MET B 426 -17.01 47.20 -3.37
CA MET B 426 -18.44 47.41 -3.66
C MET B 426 -18.67 48.77 -4.32
N THR B 427 -18.10 49.79 -3.69
CA THR B 427 -18.20 51.17 -4.14
C THR B 427 -17.69 51.36 -5.56
N HIS B 428 -16.51 50.80 -5.80
CA HIS B 428 -15.83 50.94 -7.09
C HIS B 428 -16.60 50.27 -8.24
N PHE B 429 -16.89 49.00 -8.06
CA PHE B 429 -17.47 48.20 -9.14
C PHE B 429 -18.95 48.51 -9.40
N PHE B 430 -19.70 48.85 -8.35
CA PHE B 430 -21.10 49.30 -8.55
C PHE B 430 -21.15 50.62 -9.30
N SER B 431 -20.17 51.48 -9.04
CA SER B 431 -20.03 52.73 -9.81
C SER B 431 -19.82 52.44 -11.29
N ILE B 432 -18.89 51.52 -11.56
CA ILE B 432 -18.59 51.10 -12.94
C ILE B 432 -19.82 50.51 -13.62
N LEU B 433 -20.49 49.63 -12.89
CA LEU B 433 -21.66 48.91 -13.41
C LEU B 433 -22.82 49.86 -13.69
N LEU B 434 -23.00 50.84 -12.81
CA LEU B 434 -24.00 51.90 -12.97
C LEU B 434 -23.78 52.67 -14.26
N ALA B 435 -22.54 53.11 -14.46
CA ALA B 435 -22.17 53.93 -15.62
C ALA B 435 -22.41 53.22 -16.95
N GLN B 436 -22.21 51.91 -16.97
CA GLN B 436 -22.41 51.11 -18.19
C GLN B 436 -23.81 50.47 -18.25
N GLU B 437 -24.63 50.72 -17.24
CA GLU B 437 -25.96 50.10 -17.10
C GLU B 437 -25.89 48.57 -17.22
N GLN B 438 -24.90 48.00 -16.55
CA GLN B 438 -24.62 46.55 -16.62
C GLN B 438 -24.93 45.82 -15.32
N LEU B 439 -25.81 46.40 -14.51
CA LEU B 439 -26.17 45.82 -13.21
C LEU B 439 -26.83 44.45 -13.35
N GLU B 440 -27.66 44.29 -14.39
CA GLU B 440 -28.39 43.03 -14.64
C GLU B 440 -27.55 41.99 -15.41
N LYS B 441 -26.36 42.37 -15.87
CA LYS B 441 -25.53 41.46 -16.66
C LYS B 441 -24.82 40.43 -15.78
N ALA B 442 -25.11 39.16 -16.06
CA ALA B 442 -24.50 38.04 -15.34
C ALA B 442 -23.01 37.98 -15.60
N LEU B 443 -22.25 37.75 -14.54
CA LEU B 443 -20.79 37.67 -14.63
C LEU B 443 -20.26 36.35 -14.08
N ASP B 444 -19.25 35.81 -14.75
CA ASP B 444 -18.59 34.59 -14.30
C ASP B 444 -17.69 34.87 -13.11
N CYS B 445 -17.83 34.03 -12.10
CA CYS B 445 -16.89 34.05 -10.98
C CYS B 445 -16.69 32.67 -10.38
N GLN B 446 -15.72 32.59 -9.49
CA GLN B 446 -15.26 31.33 -8.92
C GLN B 446 -15.54 31.25 -7.41
N ILE B 447 -16.19 30.16 -7.01
CA ILE B 447 -16.45 29.85 -5.60
C ILE B 447 -15.93 28.45 -5.26
N TYR B 448 -14.82 28.44 -4.53
CA TYR B 448 -14.09 27.21 -4.16
C TYR B 448 -13.71 26.40 -5.40
N GLY B 449 -13.25 27.12 -6.42
CA GLY B 449 -12.75 26.51 -7.66
C GLY B 449 -13.81 26.25 -8.72
N ALA B 450 -15.07 26.27 -8.30
CA ALA B 450 -16.21 26.07 -9.21
C ALA B 450 -16.69 27.39 -9.80
N CYS B 451 -16.98 27.38 -11.10
CA CYS B 451 -17.43 28.59 -11.79
CA CYS B 451 -17.43 28.58 -11.81
C CYS B 451 -18.94 28.76 -11.73
N TYR B 452 -19.36 29.95 -11.29
CA TYR B 452 -20.77 30.33 -11.27
C TYR B 452 -21.00 31.58 -12.09
N SER B 453 -22.19 31.67 -12.66
CA SER B 453 -22.66 32.88 -13.33
C SER B 453 -23.62 33.61 -12.40
N ILE B 454 -23.25 34.83 -12.05
CA ILE B 454 -23.96 35.59 -11.02
C ILE B 454 -24.28 37.03 -11.45
N GLU B 455 -25.49 37.45 -11.13
CA GLU B 455 -25.95 38.81 -11.41
C GLU B 455 -25.63 39.69 -10.20
N PRO B 456 -24.87 40.78 -10.41
CA PRO B 456 -24.52 41.71 -9.33
C PRO B 456 -25.73 42.19 -8.53
N LEU B 457 -26.88 42.30 -9.20
CA LEU B 457 -28.12 42.75 -8.55
C LEU B 457 -28.60 41.79 -7.46
N ASP B 458 -28.14 40.55 -7.53
CA ASP B 458 -28.48 39.53 -6.51
C ASP B 458 -27.52 39.50 -5.30
N LEU B 459 -26.54 40.40 -5.29
CA LEU B 459 -25.53 40.42 -4.20
C LEU B 459 -26.10 40.53 -2.77
N PRO B 460 -27.06 41.45 -2.53
CA PRO B 460 -27.63 41.56 -1.19
C PRO B 460 -28.23 40.27 -0.67
N GLN B 461 -29.01 39.61 -1.54
CA GLN B 461 -29.64 38.33 -1.21
C GLN B 461 -28.58 37.26 -0.92
N ILE B 462 -27.58 37.21 -1.79
CA ILE B 462 -26.49 36.24 -1.67
C ILE B 462 -25.70 36.48 -0.39
N ILE B 463 -25.46 37.75 -0.08
CA ILE B 463 -24.69 38.12 1.11
C ILE B 463 -25.45 37.78 2.40
N GLU B 464 -26.74 38.12 2.43
CA GLU B 464 -27.60 37.81 3.60
C GLU B 464 -27.58 36.33 3.92
N ARG B 465 -27.71 35.52 2.88
CA ARG B 465 -27.78 34.05 3.03
C ARG B 465 -26.47 33.45 3.53
N LEU B 466 -25.36 34.00 3.05
CA LEU B 466 -24.03 33.47 3.37
C LEU B 466 -23.54 33.92 4.73
N HIS B 467 -23.69 35.21 4.98
CA HIS B 467 -23.02 35.88 6.13
C HIS B 467 -23.99 36.39 7.18
N GLY B 468 -25.27 36.47 6.83
CA GLY B 468 -26.29 37.08 7.69
C GLY B 468 -26.47 38.57 7.45
N LEU B 469 -27.51 39.12 8.07
CA LEU B 469 -27.85 40.54 7.95
C LEU B 469 -26.80 41.45 8.60
N SER B 470 -26.05 40.88 9.54
CA SER B 470 -24.99 41.62 10.26
C SER B 470 -23.88 42.10 9.33
N ALA B 471 -23.71 41.42 8.19
CA ALA B 471 -22.74 41.81 7.16
C ALA B 471 -22.94 43.25 6.66
N PHE B 472 -24.18 43.72 6.74
CA PHE B 472 -24.56 45.07 6.28
C PHE B 472 -24.47 46.15 7.36
N SER B 473 -24.15 45.75 8.59
CA SER B 473 -24.10 46.70 9.71
C SER B 473 -22.87 46.55 10.62
N LEU B 474 -21.88 45.77 10.20
CA LEU B 474 -20.65 45.63 10.99
C LEU B 474 -19.94 46.97 11.12
N HIS B 475 -19.42 47.22 12.32
CA HIS B 475 -18.65 48.42 12.64
C HIS B 475 -17.65 48.14 13.77
N SER B 476 -16.89 49.17 14.15
CA SER B 476 -15.84 49.03 15.17
C SER B 476 -14.95 47.85 14.83
N TYR B 477 -14.29 47.97 13.69
CA TYR B 477 -13.29 46.99 13.27
C TYR B 477 -12.05 47.11 14.17
N SER B 478 -11.23 46.07 14.19
CA SER B 478 -10.06 46.04 15.07
C SER B 478 -8.97 46.99 14.56
N PRO B 479 -8.18 47.58 15.48
CA PRO B 479 -7.07 48.45 15.10
C PRO B 479 -6.08 47.77 14.16
N GLY B 480 -5.87 46.48 14.39
CA GLY B 480 -4.96 45.67 13.57
C GLY B 480 -5.43 45.53 12.13
N GLU B 481 -6.73 45.27 11.96
CA GLU B 481 -7.33 45.10 10.63
C GLU B 481 -7.38 46.43 9.90
N ILE B 482 -7.84 47.46 10.62
CA ILE B 482 -7.90 48.83 10.08
C ILE B 482 -6.52 49.29 9.61
N ASN B 483 -5.51 49.04 10.42
CA ASN B 483 -4.14 49.45 10.09
C ASN B 483 -3.54 48.68 8.92
N ARG B 484 -3.83 47.40 8.83
CA ARG B 484 -3.36 46.59 7.69
C ARG B 484 -3.95 47.13 6.39
N VAL B 485 -5.24 47.42 6.42
CA VAL B 485 -5.94 47.96 5.24
C VAL B 485 -5.37 49.32 4.85
N ALA B 486 -5.31 50.23 5.81
CA ALA B 486 -4.77 51.59 5.58
C ALA B 486 -3.36 51.55 4.99
N SER B 487 -2.54 50.67 5.54
CA SER B 487 -1.15 50.50 5.09
C SER B 487 -1.11 50.01 3.65
N CYS B 488 -1.93 49.01 3.37
CA CYS B 488 -2.04 48.46 2.02
C CYS B 488 -2.42 49.55 1.04
N LEU B 489 -3.39 50.38 1.43
CA LEU B 489 -3.86 51.49 0.58
C LEU B 489 -2.74 52.45 0.22
N ARG B 490 -1.94 52.82 1.22
CA ARG B 490 -0.79 53.71 1.00
C ARG B 490 0.24 53.05 0.08
N LYS B 491 0.49 51.77 0.33
CA LYS B 491 1.44 50.97 -0.44
C LYS B 491 1.10 50.95 -1.94
N LEU B 492 -0.18 50.79 -2.25
CA LEU B 492 -0.65 50.64 -3.64
C LEU B 492 -1.03 51.97 -4.30
N GLY B 493 -1.07 53.04 -3.51
CA GLY B 493 -1.53 54.33 -4.00
C GLY B 493 -3.03 54.34 -4.24
N VAL B 494 -3.76 53.58 -3.42
CA VAL B 494 -5.22 53.61 -3.37
C VAL B 494 -5.68 54.75 -2.45
N PRO B 495 -6.71 55.52 -2.87
CA PRO B 495 -7.24 56.58 -2.01
C PRO B 495 -7.65 56.10 -0.61
N PRO B 496 -7.52 56.97 0.41
CA PRO B 496 -7.87 56.58 1.76
C PRO B 496 -9.36 56.35 1.95
N LEU B 497 -9.69 55.63 3.01
CA LEU B 497 -11.06 55.15 3.26
C LEU B 497 -12.09 56.27 3.32
N ARG B 498 -11.66 57.46 3.77
CA ARG B 498 -12.54 58.63 3.84
C ARG B 498 -13.08 59.02 2.46
N VAL B 499 -12.24 58.88 1.43
CA VAL B 499 -12.64 59.17 0.05
C VAL B 499 -13.69 58.17 -0.41
N TRP B 500 -13.49 56.91 -0.03
CA TRP B 500 -14.39 55.83 -0.44
C TRP B 500 -15.76 56.00 0.19
N ARG B 501 -15.76 56.48 1.44
CA ARG B 501 -17.01 56.82 2.14
C ARG B 501 -17.78 57.88 1.36
N HIS B 502 -17.07 58.91 0.93
CA HIS B 502 -17.69 59.98 0.13
C HIS B 502 -18.26 59.45 -1.18
N ARG B 503 -17.47 58.63 -1.86
CA ARG B 503 -17.87 58.01 -3.12
C ARG B 503 -19.07 57.08 -2.97
N ALA B 504 -19.10 56.33 -1.88
CA ALA B 504 -20.17 55.38 -1.59
C ALA B 504 -21.53 56.08 -1.42
N ARG B 505 -21.51 57.27 -0.82
CA ARG B 505 -22.73 58.07 -0.62
C ARG B 505 -23.37 58.37 -1.98
N SER B 506 -22.53 58.73 -2.94
CA SER B 506 -22.97 58.99 -4.32
C SER B 506 -23.51 57.75 -4.99
N VAL B 507 -22.74 56.68 -4.88
CA VAL B 507 -23.10 55.40 -5.50
C VAL B 507 -24.43 54.90 -4.93
N ARG B 508 -24.56 55.00 -3.62
CA ARG B 508 -25.81 54.68 -2.92
C ARG B 508 -26.99 55.45 -3.50
N ALA B 509 -26.84 56.76 -3.56
CA ALA B 509 -27.90 57.67 -4.06
C ALA B 509 -28.32 57.30 -5.49
N ARG B 510 -27.32 57.03 -6.32
CA ARG B 510 -27.56 56.65 -7.72
C ARG B 510 -28.35 55.35 -7.79
N LEU B 511 -27.96 54.41 -6.94
CA LEU B 511 -28.60 53.09 -6.87
C LEU B 511 -30.07 53.20 -6.43
N LEU B 512 -30.30 54.01 -5.40
CA LEU B 512 -31.66 54.25 -4.90
C LEU B 512 -32.57 54.88 -5.97
N SER B 513 -31.99 55.74 -6.79
CA SER B 513 -32.72 56.44 -7.85
C SER B 513 -33.25 55.51 -8.93
N GLN B 514 -32.54 54.40 -9.14
CA GLN B 514 -32.91 53.39 -10.15
C GLN B 514 -34.16 52.60 -9.72
N GLY B 515 -34.41 52.57 -8.41
CA GLY B 515 -35.49 51.77 -7.84
C GLY B 515 -35.22 50.27 -7.91
N GLY B 516 -36.20 49.48 -7.52
CA GLY B 516 -36.16 48.03 -7.66
C GLY B 516 -34.98 47.34 -7.02
N ARG B 517 -34.44 46.35 -7.71
CA ARG B 517 -33.32 45.54 -7.20
C ARG B 517 -32.07 46.40 -7.00
N ALA B 518 -31.90 47.39 -7.88
CA ALA B 518 -30.80 48.34 -7.78
C ALA B 518 -30.91 49.12 -6.48
N ALA B 519 -32.13 49.54 -6.15
CA ALA B 519 -32.42 50.30 -4.94
C ALA B 519 -32.07 49.49 -3.69
N THR B 520 -32.39 48.20 -3.74
CA THR B 520 -32.09 47.26 -2.66
C THR B 520 -30.57 47.14 -2.45
N CYS B 521 -29.83 47.09 -3.56
CA CYS B 521 -28.37 47.13 -3.51
C CYS B 521 -27.90 48.38 -2.79
N GLY B 522 -28.49 49.51 -3.17
CA GLY B 522 -28.22 50.79 -2.54
C GLY B 522 -28.45 50.73 -1.03
N LYS B 523 -29.63 50.24 -0.67
CA LYS B 523 -30.08 50.18 0.72
C LYS B 523 -29.17 49.36 1.64
N TYR B 524 -28.86 48.13 1.22
CA TYR B 524 -28.19 47.15 2.09
C TYR B 524 -26.67 47.20 2.00
N LEU B 525 -26.15 47.26 0.78
CA LEU B 525 -24.70 47.24 0.56
C LEU B 525 -24.00 48.48 1.10
N PHE B 526 -24.72 49.60 1.11
CA PHE B 526 -24.13 50.91 1.40
C PHE B 526 -24.74 51.63 2.60
N ASN B 527 -25.39 50.88 3.48
CA ASN B 527 -26.01 51.47 4.69
C ASN B 527 -24.93 52.05 5.60
N TRP B 528 -23.76 51.41 5.57
CA TRP B 528 -22.57 51.86 6.32
C TRP B 528 -22.15 53.29 5.96
N ALA B 529 -22.52 53.73 4.76
CA ALA B 529 -22.06 55.03 4.23
C ALA B 529 -22.87 56.22 4.74
N VAL B 530 -24.03 55.98 5.33
CA VAL B 530 -24.88 57.07 5.82
C VAL B 530 -24.82 57.22 7.34
N LYS B 531 -25.24 58.39 7.82
CA LYS B 531 -25.23 58.71 9.25
C LYS B 531 -26.46 58.12 9.93
N THR B 532 -27.63 58.42 9.37
CA THR B 532 -28.91 57.94 9.88
C THR B 532 -29.27 56.63 9.18
N LYS B 533 -28.90 55.52 9.82
CA LYS B 533 -29.06 54.18 9.22
C LYS B 533 -30.51 53.80 8.98
N LEU B 534 -30.76 53.19 7.83
CA LEU B 534 -32.08 52.60 7.52
C LEU B 534 -32.27 51.30 8.28
N LYS B 535 -33.54 50.96 8.49
CA LYS B 535 -33.93 49.71 9.13
C LYS B 535 -33.75 48.55 8.16
N LEU B 536 -32.73 47.73 8.39
CA LEU B 536 -32.45 46.59 7.52
C LEU B 536 -33.14 45.32 8.03
N THR B 537 -34.03 44.81 7.19
CA THR B 537 -34.84 43.62 7.49
C THR B 537 -34.65 42.59 6.38
N PRO B 538 -35.05 41.33 6.61
CA PRO B 538 -34.74 40.30 5.63
C PRO B 538 -35.35 40.55 4.25
N ILE B 539 -34.60 40.16 3.22
CA ILE B 539 -34.99 40.37 1.83
C ILE B 539 -35.79 39.17 1.32
N PRO B 540 -36.93 39.42 0.65
CA PRO B 540 -37.64 38.35 -0.05
C PRO B 540 -36.94 37.94 -1.35
N LEU B 547 -28.82 27.83 -3.09
CA LEU B 547 -27.39 27.91 -2.76
C LEU B 547 -26.85 26.61 -2.16
N SER B 548 -27.56 25.51 -2.40
CA SER B 548 -27.25 24.21 -1.78
C SER B 548 -25.88 23.68 -2.20
N GLY B 549 -25.56 23.85 -3.47
CA GLY B 549 -24.32 23.26 -4.03
C GLY B 549 -23.07 24.09 -3.78
N TRP B 550 -23.23 25.26 -3.16
CA TRP B 550 -22.14 26.23 -3.06
C TRP B 550 -20.98 25.75 -2.19
N PHE B 551 -21.30 25.17 -1.04
CA PHE B 551 -20.28 24.80 -0.05
C PHE B 551 -20.40 23.35 0.31
N VAL B 552 -20.25 22.53 -0.72
CA VAL B 552 -20.26 21.08 -0.57
C VAL B 552 -18.87 20.51 -0.77
N ALA B 553 -18.21 20.96 -1.84
CA ALA B 553 -16.88 20.44 -2.17
C ALA B 553 -16.02 21.42 -2.95
N GLY B 554 -14.71 21.16 -2.93
CA GLY B 554 -13.75 21.93 -3.70
C GLY B 554 -13.55 21.36 -5.08
N TYR B 555 -13.52 22.24 -6.08
CA TYR B 555 -13.36 21.81 -7.49
C TYR B 555 -12.26 22.56 -8.24
N SER B 556 -11.29 23.11 -7.51
CA SER B 556 -10.25 23.91 -8.16
C SER B 556 -9.49 23.10 -9.21
N GLY B 557 -9.44 23.67 -10.42
CA GLY B 557 -8.84 23.02 -11.58
C GLY B 557 -9.70 21.92 -12.19
N GLY B 558 -10.90 21.75 -11.64
CA GLY B 558 -11.77 20.62 -11.97
C GLY B 558 -12.73 20.84 -13.12
N ASP B 559 -12.69 22.03 -13.72
CA ASP B 559 -13.49 22.33 -14.89
C ASP B 559 -14.98 22.15 -14.59
N ILE B 560 -15.43 22.71 -13.47
CA ILE B 560 -16.82 22.60 -13.02
C ILE B 560 -17.57 23.93 -13.09
N TYR B 561 -18.81 23.85 -13.59
CA TYR B 561 -19.67 25.04 -13.76
C TYR B 561 -21.08 24.80 -13.21
N HIS B 562 -21.68 25.88 -12.69
CA HIS B 562 -23.07 25.86 -12.19
C HIS B 562 -23.85 27.14 -12.49
N ALA B 563 -25.17 26.98 -12.58
CA ALA B 563 -26.11 28.05 -12.92
C ALA B 563 -27.30 28.07 -11.96
C29 K4M C . 11.62 -28.93 3.62
C31 K4M C . 12.64 -29.61 2.96
C1 K4M C . 17.21 -20.91 0.60
C5 K4M C . 18.15 -24.61 0.43
C3 K4M C . 17.69 -23.25 0.01
C6 K4M C . 19.54 -25.07 0.72
C21 K4M C . 14.96 -30.01 2.36
C9 K4M C . 17.62 -28.02 1.27
C14 K4M C . 13.93 -27.57 0.71
C13 K4M C . 17.23 -25.75 0.63
C12 K4M C . 15.88 -25.99 0.53
C11 K4M C . 15.39 -27.28 0.82
C8 K4M C . 18.09 -26.75 1.00
C24 K4M C . 13.26 -27.50 4.65
C15 K4M C . 13.03 -26.68 -0.15
O7 K4M C . 19.36 -26.39 1.05
F30 K4M C . 10.35 -29.31 3.43
C25 K4M C . 11.92 -27.88 4.47
B26 K4M C . 10.80 -27.18 5.16
O27 K4M C . 10.30 -27.74 6.50
O28 K4M C . 9.81 -26.37 4.30
C23 K4M C . 14.29 -28.17 3.99
C22 K4M C . 13.98 -29.23 3.16
N20 K4M C . 15.00 -31.35 2.27
C19 K4M C . 15.97 -31.73 1.40
N18 K4M C . 16.55 -30.64 0.88
N17 K4M C . 15.87 -29.59 1.48
C10 K4M C . 16.23 -28.32 1.20
C16 K4M C . 12.97 -26.58 1.37
N2 K4M C . 17.63 -22.27 0.92
O4 K4M C . 17.43 -23.05 -1.16
C32 K4M C . 20.83 -24.35 0.63
C33 K4M C . 20.94 -23.27 -0.23
C34 K4M C . 22.13 -22.59 -0.38
C38 K4M C . 21.96 -24.80 1.33
C37 K4M C . 23.17 -24.12 1.18
C35 K4M C . 23.25 -23.02 0.32
F36 K4M C . 24.39 -22.34 0.15
C29 K4M D . -10.39 29.29 -2.83
C31 K4M D . -11.03 30.09 -1.90
C1 K4M D . -7.11 25.20 6.17
C5 K4M D . -9.10 28.41 5.64
C3 K4M D . -8.80 26.98 5.94
C6 K4M D . -8.81 29.63 6.43
C21 K4M D . -11.20 31.40 0.15
C9 K4M D . -10.39 30.99 3.53
C14 K4M D . -11.36 28.35 1.04
C13 K4M D . -9.75 28.86 4.38
C12 K4M D . -10.25 28.24 3.26
C11 K4M D . -10.82 29.02 2.25
C8 K4M D . -9.82 30.21 4.53
C24 K4M D . -8.38 29.42 -1.48
C15 K4M D . -11.75 26.88 1.09
O7 K4M D . -9.31 30.65 5.67
F30 K4M D . -11.06 28.85 -3.90
C25 K4M D . -9.05 28.94 -2.63
B26 K4M D . -8.37 28.06 -3.63
O27 K4M D . -7.65 28.72 -4.81
O28 K4M D . -8.85 26.60 -3.81
C23 K4M D . -9.04 30.23 -0.56
C22 K4M D . -10.37 30.57 -0.77
N20 K4M D . -12.02 32.41 -0.25
C19 K4M D . -12.69 32.91 0.82
N18 K4M D . -12.36 32.21 1.92
N17 K4M D . -11.45 31.27 1.45
C10 K4M D . -10.90 30.43 2.34
C16 K4M D . -10.47 27.29 0.39
N2 K4M D . -7.54 26.55 5.87
O4 K4M D . -9.71 26.25 6.29
C32 K4M D . -8.22 29.76 7.79
C33 K4M D . -8.33 28.68 8.67
C34 K4M D . -7.83 28.77 9.96
C38 K4M D . -7.66 30.94 8.23
C37 K4M D . -7.17 31.03 9.53
C35 K4M D . -7.26 29.94 10.38
F36 K4M D . -6.81 30.01 11.64
#